data_2R5V
#
_entry.id   2R5V
#
_cell.length_a   106.369
_cell.length_b   106.369
_cell.length_c   75.951
_cell.angle_alpha   90.000
_cell.angle_beta   90.000
_cell.angle_gamma   90.000
#
_symmetry.space_group_name_H-M   'P 41'
#
loop_
_entity.id
_entity.type
_entity.pdbx_description
1 polymer PCZA361.1
2 non-polymer 'COBALT (II) ION'
3 non-polymer '(2S)-hydroxy(4-hydroxyphenyl)ethanoic acid'
4 non-polymer 'PHOSPHATE ION'
5 water water
#
_entity_poly.entity_id   1
_entity_poly.type   'polypeptide(L)'
_entity_poly.pdbx_seq_one_letter_code
;MQNFEIDYVEMYVENLEVAAFSWVDKYAFAVAGTSRSADHRSIALRQGQVTLVLTEPTSDRHPAAAYLQTHGDGVADIAM
ATSDVAAAYEAAVRAGAEAVRAPGQHSEAAVTTATIGGFGDVVHTLIQRDGTSAELPPGFTGSMDVTNHGKGDVDLLGID
HFAICLNAGDLGPTVEYYERALGFRQIFDEHIVVGAQAMNSTVVQSASGAVTLTLIEPDRNADPGQIDEFLKDHQGAGVQ
HIAFNSNDAVRAVKALSERGVEFLKTPGAYYDLLGERITLQTHSLDDLRATNVLADEDHGGQLFQIFTASTHPRHTIFFE
VIERQGAGTFGSSNIKALYEAVELERTGQSEFGAARR
;
_entity_poly.pdbx_strand_id   A,B
#
loop_
_chem_comp.id
_chem_comp.type
_chem_comp.name
_chem_comp.formula
CO non-polymer 'COBALT (II) ION' 'Co 2'
HHH non-polymer '(2S)-hydroxy(4-hydroxyphenyl)ethanoic acid' 'C8 H8 O4'
PO4 non-polymer 'PHOSPHATE ION' 'O4 P -3'
#
# COMPACT_ATOMS: atom_id res chain seq x y z
N GLN A 2 -19.69 -3.08 -17.12
CA GLN A 2 -20.07 -4.53 -17.03
C GLN A 2 -21.21 -4.71 -16.04
N ASN A 3 -21.75 -5.93 -15.94
CA ASN A 3 -22.86 -6.21 -15.02
C ASN A 3 -22.70 -7.53 -14.22
N PHE A 4 -21.97 -7.40 -13.12
CA PHE A 4 -21.23 -8.47 -12.55
C PHE A 4 -22.07 -9.38 -11.74
N GLU A 5 -21.84 -10.66 -11.99
CA GLU A 5 -22.40 -11.77 -11.27
C GLU A 5 -21.22 -12.62 -10.88
N ILE A 6 -21.35 -13.40 -9.79
CA ILE A 6 -20.32 -14.38 -9.42
C ILE A 6 -20.38 -15.52 -10.41
N ASP A 7 -19.34 -15.68 -11.19
CA ASP A 7 -19.22 -16.88 -11.96
C ASP A 7 -18.76 -18.06 -11.05
N TYR A 8 -17.66 -17.90 -10.29
CA TYR A 8 -17.19 -18.95 -9.40
C TYR A 8 -16.22 -18.26 -8.47
N VAL A 9 -15.92 -18.99 -7.38
CA VAL A 9 -14.93 -18.67 -6.42
C VAL A 9 -13.89 -19.75 -6.48
N GLU A 10 -12.63 -19.37 -6.66
CA GLU A 10 -11.54 -20.30 -6.73
C GLU A 10 -10.72 -20.26 -5.46
N MET A 11 -10.58 -21.43 -4.82
CA MET A 11 -9.60 -21.60 -3.72
C MET A 11 -8.41 -22.43 -4.16
N TYR A 12 -7.23 -22.02 -3.71
CA TYR A 12 -6.00 -22.77 -3.92
C TYR A 12 -5.87 -23.73 -2.77
N VAL A 13 -5.56 -25.00 -3.07
CA VAL A 13 -5.56 -26.03 -2.03
C VAL A 13 -4.28 -26.91 -2.04
N GLU A 14 -3.81 -27.30 -0.85
CA GLU A 14 -2.64 -28.20 -0.72
C GLU A 14 -2.94 -29.61 -1.23
N ASN A 15 -4.17 -30.03 -1.04
CA ASN A 15 -4.57 -31.38 -1.26
C ASN A 15 -6.00 -31.39 -1.85
N LEU A 16 -6.06 -31.72 -3.12
CA LEU A 16 -7.31 -31.68 -3.85
C LEU A 16 -8.41 -32.61 -3.32
N GLU A 17 -8.03 -33.85 -3.06
CA GLU A 17 -8.98 -34.90 -2.68
C GLU A 17 -9.46 -34.69 -1.22
N VAL A 18 -8.63 -34.14 -0.33
CA VAL A 18 -9.07 -33.81 0.98
C VAL A 18 -10.03 -32.60 0.90
N ALA A 19 -9.69 -31.58 0.11
CA ALA A 19 -10.55 -30.39 0.09
C ALA A 19 -11.88 -30.64 -0.59
N ALA A 20 -11.87 -31.37 -1.69
CA ALA A 20 -13.06 -31.57 -2.49
C ALA A 20 -14.10 -32.33 -1.66
N PHE A 21 -13.64 -33.36 -0.95
CA PHE A 21 -14.56 -34.21 -0.22
C PHE A 21 -14.89 -33.67 1.12
N SER A 22 -14.14 -32.68 1.57
CA SER A 22 -14.58 -31.93 2.74
C SER A 22 -15.84 -31.10 2.41
N TRP A 23 -15.86 -30.49 1.22
CA TRP A 23 -17.03 -29.72 0.75
C TRP A 23 -18.20 -30.63 0.37
N VAL A 24 -17.92 -31.71 -0.38
CA VAL A 24 -18.93 -32.76 -0.58
C VAL A 24 -19.56 -33.31 0.72
N ASP A 25 -18.73 -33.78 1.64
CA ASP A 25 -19.19 -34.49 2.84
C ASP A 25 -19.82 -33.57 3.90
N LYS A 26 -19.11 -32.55 4.34
CA LYS A 26 -19.62 -31.60 5.35
C LYS A 26 -20.72 -30.68 4.83
N TYR A 27 -20.61 -30.20 3.59
CA TYR A 27 -21.52 -29.16 3.09
C TYR A 27 -22.44 -29.54 1.98
N ALA A 28 -22.33 -30.78 1.48
CA ALA A 28 -23.24 -31.32 0.43
C ALA A 28 -23.07 -30.71 -0.97
N PHE A 29 -21.92 -30.15 -1.28
CA PHE A 29 -21.61 -29.86 -2.68
C PHE A 29 -21.63 -31.07 -3.56
N ALA A 30 -21.78 -30.85 -4.88
CA ALA A 30 -21.72 -31.87 -5.90
C ALA A 30 -20.51 -31.58 -6.73
N VAL A 31 -19.86 -32.65 -7.22
CA VAL A 31 -18.81 -32.57 -8.24
C VAL A 31 -19.34 -32.42 -9.66
N ALA A 32 -18.93 -31.31 -10.29
CA ALA A 32 -19.47 -30.85 -11.56
C ALA A 32 -18.51 -31.07 -12.71
N GLY A 33 -17.22 -30.84 -12.48
CA GLY A 33 -16.28 -30.93 -13.60
C GLY A 33 -14.89 -30.89 -13.10
N THR A 34 -13.94 -31.12 -13.99
CA THR A 34 -12.53 -31.14 -13.64
C THR A 34 -11.69 -30.45 -14.74
N SER A 35 -10.51 -30.02 -14.33
CA SER A 35 -9.64 -29.43 -15.30
C SER A 35 -8.27 -29.76 -14.84
N ARG A 36 -7.41 -30.11 -15.78
CA ARG A 36 -6.05 -30.60 -15.52
C ARG A 36 -5.15 -30.07 -16.57
N SER A 37 -3.93 -29.71 -16.19
CA SER A 37 -2.90 -29.45 -17.19
C SER A 37 -1.58 -29.92 -16.59
N ALA A 38 -0.50 -29.80 -17.35
CA ALA A 38 0.84 -30.02 -16.80
C ALA A 38 1.11 -29.30 -15.46
N ASP A 39 0.37 -28.25 -15.11
CA ASP A 39 0.70 -27.54 -13.87
C ASP A 39 -0.36 -27.47 -12.78
N HIS A 40 -1.52 -28.09 -12.97
CA HIS A 40 -2.49 -28.06 -11.85
C HIS A 40 -3.49 -29.22 -12.00
N ARG A 41 -4.22 -29.51 -10.93
CA ARG A 41 -5.43 -30.26 -11.08
C ARG A 41 -6.58 -29.51 -10.32
N SER A 42 -7.78 -29.44 -10.89
CA SER A 42 -8.87 -28.63 -10.34
C SER A 42 -10.13 -29.37 -10.42
N ILE A 43 -11.01 -29.06 -9.51
CA ILE A 43 -12.38 -29.54 -9.59
C ILE A 43 -13.34 -28.31 -9.43
N ALA A 44 -14.46 -28.41 -10.11
CA ALA A 44 -15.57 -27.51 -9.98
C ALA A 44 -16.66 -28.17 -9.18
N LEU A 45 -17.00 -27.59 -8.05
CA LEU A 45 -18.09 -28.09 -7.19
C LEU A 45 -19.31 -27.15 -7.33
N ARG A 46 -20.51 -27.69 -7.13
CA ARG A 46 -21.76 -26.96 -7.38
C ARG A 46 -22.77 -27.23 -6.22
N GLN A 47 -23.43 -26.20 -5.71
CA GLN A 47 -24.68 -26.33 -4.95
C GLN A 47 -25.54 -25.04 -5.07
N GLY A 48 -26.78 -25.15 -5.55
CA GLY A 48 -27.62 -23.98 -5.80
C GLY A 48 -26.87 -23.17 -6.81
N GLN A 49 -26.65 -21.88 -6.50
CA GLN A 49 -25.89 -20.97 -7.40
C GLN A 49 -24.40 -20.80 -7.10
N VAL A 50 -23.87 -21.50 -6.08
CA VAL A 50 -22.44 -21.47 -5.71
C VAL A 50 -21.70 -22.43 -6.66
N THR A 51 -20.70 -21.89 -7.37
CA THR A 51 -19.69 -22.70 -8.00
C THR A 51 -18.38 -22.44 -7.29
N LEU A 52 -17.85 -23.49 -6.64
CA LEU A 52 -16.56 -23.41 -5.97
C LEU A 52 -15.57 -24.15 -6.85
N VAL A 53 -14.46 -23.50 -7.18
CA VAL A 53 -13.35 -24.21 -7.85
C VAL A 53 -12.26 -24.43 -6.85
N LEU A 54 -11.72 -25.65 -6.81
CA LEU A 54 -10.51 -26.00 -6.00
C LEU A 54 -9.38 -26.34 -6.92
N THR A 55 -8.21 -25.73 -6.71
CA THR A 55 -7.06 -25.89 -7.57
C THR A 55 -5.81 -26.24 -6.78
N GLU A 56 -5.20 -27.38 -7.11
CA GLU A 56 -3.94 -27.77 -6.53
C GLU A 56 -2.85 -27.65 -7.64
N PRO A 57 -1.76 -26.87 -7.38
CA PRO A 57 -0.61 -26.71 -8.30
C PRO A 57 0.19 -28.02 -8.30
N THR A 58 0.68 -28.47 -9.45
CA THR A 58 1.50 -29.68 -9.48
C THR A 58 2.85 -29.32 -10.09
N SER A 59 3.03 -28.02 -10.34
CA SER A 59 4.28 -27.46 -10.74
C SER A 59 4.48 -26.09 -10.07
N ASP A 60 5.73 -25.79 -9.77
CA ASP A 60 6.12 -24.47 -9.33
C ASP A 60 5.89 -23.32 -10.37
N ARG A 61 5.67 -23.64 -11.63
CA ARG A 61 5.12 -22.68 -12.61
C ARG A 61 3.79 -22.02 -12.17
N HIS A 62 2.87 -22.81 -11.63
CA HIS A 62 1.53 -22.31 -11.28
C HIS A 62 1.56 -21.28 -10.13
N PRO A 63 0.78 -20.14 -10.27
CA PRO A 63 0.80 -19.16 -9.14
C PRO A 63 0.31 -19.71 -7.74
N ALA A 64 -0.46 -20.80 -7.70
CA ALA A 64 -0.83 -21.46 -6.41
C ALA A 64 0.32 -21.94 -5.56
N ALA A 65 1.45 -22.34 -6.16
CA ALA A 65 2.60 -22.83 -5.35
C ALA A 65 3.07 -21.79 -4.37
N ALA A 66 3.32 -20.58 -4.88
CA ALA A 66 3.72 -19.43 -4.07
C ALA A 66 2.61 -18.97 -3.15
N TYR A 67 1.37 -18.99 -3.65
CA TYR A 67 0.22 -18.67 -2.77
C TYR A 67 0.12 -19.62 -1.55
N LEU A 68 0.23 -20.93 -1.78
CA LEU A 68 0.09 -21.92 -0.67
C LEU A 68 1.23 -21.82 0.34
N GLN A 69 2.42 -21.52 -0.16
CA GLN A 69 3.54 -21.30 0.71
C GLN A 69 3.36 -20.06 1.61
N THR A 70 2.72 -19.01 1.08
CA THR A 70 2.43 -17.80 1.90
C THR A 70 1.27 -17.95 2.85
N HIS A 71 0.18 -18.60 2.41
CA HIS A 71 -1.15 -18.48 3.06
C HIS A 71 -1.74 -19.83 3.59
N GLY A 72 -1.21 -20.97 3.12
CA GLY A 72 -1.98 -22.24 3.22
C GLY A 72 -3.16 -22.06 2.24
N ASP A 73 -4.18 -22.92 2.33
CA ASP A 73 -5.39 -22.87 1.46
C ASP A 73 -6.07 -21.49 1.61
N GLY A 74 -6.64 -20.97 0.54
CA GLY A 74 -7.46 -19.79 0.67
C GLY A 74 -8.05 -19.40 -0.65
N VAL A 75 -8.87 -18.37 -0.62
CA VAL A 75 -9.50 -17.85 -1.81
C VAL A 75 -8.47 -17.08 -2.61
N ALA A 76 -8.38 -17.42 -3.89
CA ALA A 76 -7.41 -16.77 -4.78
C ALA A 76 -8.06 -15.92 -5.90
N ASP A 77 -9.29 -16.20 -6.30
CA ASP A 77 -9.94 -15.58 -7.45
C ASP A 77 -11.45 -15.55 -7.15
N ILE A 78 -12.01 -14.36 -7.11
CA ILE A 78 -13.47 -14.22 -7.19
C ILE A 78 -13.86 -13.86 -8.63
N ALA A 79 -14.30 -14.82 -9.40
CA ALA A 79 -14.44 -14.64 -10.81
C ALA A 79 -15.78 -14.06 -11.08
N MET A 80 -15.85 -13.03 -11.96
CA MET A 80 -17.14 -12.38 -12.25
C MET A 80 -17.62 -12.49 -13.68
N ALA A 81 -18.87 -12.93 -13.84
CA ALA A 81 -19.51 -13.00 -15.17
C ALA A 81 -19.93 -11.58 -15.63
N THR A 82 -19.61 -11.23 -16.89
CA THR A 82 -20.06 -9.98 -17.47
C THR A 82 -20.38 -10.22 -18.95
N SER A 83 -21.25 -9.39 -19.56
CA SER A 83 -21.53 -9.58 -21.02
C SER A 83 -20.44 -9.13 -22.00
N ASP A 84 -19.58 -8.18 -21.61
CA ASP A 84 -18.50 -7.74 -22.51
C ASP A 84 -17.20 -7.59 -21.68
N VAL A 85 -16.37 -8.63 -21.72
CA VAL A 85 -15.16 -8.65 -20.95
C VAL A 85 -14.10 -7.61 -21.39
N ALA A 86 -13.90 -7.44 -22.71
CA ALA A 86 -12.89 -6.51 -23.25
C ALA A 86 -13.23 -5.11 -22.80
N ALA A 87 -14.51 -4.74 -22.85
CA ALA A 87 -15.01 -3.45 -22.33
C ALA A 87 -14.81 -3.25 -20.87
N ALA A 88 -15.27 -4.22 -20.07
CA ALA A 88 -15.09 -4.21 -18.63
C ALA A 88 -13.59 -4.08 -18.21
N TYR A 89 -12.71 -4.86 -18.82
CA TYR A 89 -11.29 -4.79 -18.59
C TYR A 89 -10.68 -3.43 -18.91
N GLU A 90 -10.98 -2.93 -20.11
CA GLU A 90 -10.42 -1.69 -20.65
C GLU A 90 -10.78 -0.55 -19.65
N ALA A 91 -12.06 -0.53 -19.24
CA ALA A 91 -12.55 0.53 -18.35
C ALA A 91 -11.95 0.43 -16.98
N ALA A 92 -11.92 -0.80 -16.44
CA ALA A 92 -11.26 -1.10 -15.15
C ALA A 92 -9.80 -0.72 -15.13
N VAL A 93 -9.01 -1.17 -16.11
CA VAL A 93 -7.59 -0.77 -16.16
C VAL A 93 -7.41 0.77 -16.30
N ARG A 94 -8.18 1.39 -17.19
CA ARG A 94 -8.10 2.85 -17.29
C ARG A 94 -8.43 3.52 -15.97
N ALA A 95 -9.42 2.98 -15.26
CA ALA A 95 -9.76 3.51 -13.91
C ALA A 95 -8.79 3.15 -12.79
N GLY A 96 -7.73 2.41 -13.10
CA GLY A 96 -6.77 2.10 -12.04
C GLY A 96 -6.49 0.62 -11.72
N ALA A 97 -7.30 -0.30 -12.28
CA ALA A 97 -7.07 -1.77 -12.01
C ALA A 97 -5.70 -2.24 -12.44
N GLU A 98 -5.14 -3.13 -11.68
CA GLU A 98 -3.98 -3.81 -12.15
C GLU A 98 -4.35 -4.84 -13.19
N ALA A 99 -3.67 -4.80 -14.33
CA ALA A 99 -3.86 -5.71 -15.41
C ALA A 99 -3.07 -6.97 -15.14
N VAL A 100 -3.77 -8.09 -14.97
CA VAL A 100 -3.12 -9.36 -14.68
C VAL A 100 -3.11 -10.20 -15.96
N ARG A 101 -4.21 -10.21 -16.72
CA ARG A 101 -4.17 -10.88 -17.98
C ARG A 101 -5.23 -10.29 -18.89
N ALA A 102 -4.77 -9.88 -20.08
CA ALA A 102 -5.61 -9.29 -21.09
C ALA A 102 -6.60 -10.23 -21.69
N PRO A 103 -7.76 -9.72 -22.08
CA PRO A 103 -8.87 -10.47 -22.66
C PRO A 103 -8.42 -11.39 -23.80
N GLY A 104 -9.00 -12.56 -23.91
CA GLY A 104 -8.57 -13.51 -24.93
C GLY A 104 -9.25 -14.81 -24.68
N GLN A 105 -9.04 -15.77 -25.60
CA GLN A 105 -9.54 -17.14 -25.45
C GLN A 105 -8.86 -17.80 -24.29
N HIS A 106 -7.64 -18.24 -24.50
CA HIS A 106 -6.89 -18.84 -23.39
C HIS A 106 -7.14 -20.36 -23.16
N SER A 107 -8.10 -20.96 -23.89
CA SER A 107 -8.22 -22.42 -23.93
C SER A 107 -9.20 -22.85 -25.03
N ALA A 109 -11.47 -23.98 -26.71
CA ALA A 109 -12.73 -23.43 -27.26
C ALA A 109 -13.45 -22.47 -26.27
N ALA A 110 -12.65 -21.72 -25.49
CA ALA A 110 -13.19 -21.03 -24.32
C ALA A 110 -13.96 -19.72 -24.62
N VAL A 111 -14.80 -19.29 -23.69
CA VAL A 111 -15.34 -17.99 -23.82
C VAL A 111 -14.16 -17.04 -23.59
N THR A 112 -14.39 -15.78 -23.94
CA THR A 112 -13.44 -14.75 -23.67
C THR A 112 -13.33 -14.50 -22.16
N THR A 113 -12.07 -14.43 -21.76
CA THR A 113 -11.70 -14.27 -20.36
C THR A 113 -10.63 -13.18 -20.17
N ALA A 114 -10.63 -12.49 -19.02
CA ALA A 114 -9.51 -11.57 -18.65
C ALA A 114 -9.32 -11.62 -17.14
N THR A 115 -8.25 -11.05 -16.62
CA THR A 115 -8.00 -11.02 -15.17
C THR A 115 -7.45 -9.68 -14.75
N ILE A 116 -8.02 -9.17 -13.66
CA ILE A 116 -7.54 -7.96 -13.00
C ILE A 116 -7.21 -8.24 -11.50
N GLY A 117 -6.43 -7.35 -10.87
CA GLY A 117 -6.15 -7.44 -9.45
C GLY A 117 -7.34 -7.03 -8.58
N GLY A 118 -7.33 -7.48 -7.33
CA GLY A 118 -8.44 -7.23 -6.35
C GLY A 118 -7.66 -6.84 -5.08
N PHE A 119 -8.07 -7.21 -3.88
CA PHE A 119 -7.31 -6.85 -2.68
C PHE A 119 -6.15 -7.85 -2.50
N GLY A 120 -5.11 -7.44 -1.78
CA GLY A 120 -4.08 -8.37 -1.37
C GLY A 120 -3.59 -9.01 -2.63
N ASP A 121 -3.53 -10.35 -2.64
CA ASP A 121 -3.17 -11.07 -3.85
C ASP A 121 -4.32 -11.84 -4.51
N VAL A 122 -5.55 -11.56 -4.10
CA VAL A 122 -6.73 -12.14 -4.70
C VAL A 122 -6.98 -11.40 -6.02
N VAL A 123 -7.34 -12.11 -7.07
CA VAL A 123 -7.64 -11.49 -8.34
C VAL A 123 -9.12 -11.72 -8.70
N HIS A 124 -9.53 -11.10 -9.82
CA HIS A 124 -10.85 -11.27 -10.43
C HIS A 124 -10.67 -11.61 -11.89
N THR A 125 -11.01 -12.86 -12.24
CA THR A 125 -11.14 -13.23 -13.62
C THR A 125 -12.45 -12.72 -14.11
N LEU A 126 -12.46 -12.00 -15.22
CA LEU A 126 -13.75 -11.61 -15.82
C LEU A 126 -14.06 -12.62 -16.94
N ILE A 127 -15.30 -13.12 -16.95
CA ILE A 127 -15.74 -14.24 -17.79
C ILE A 127 -16.90 -13.77 -18.66
N GLN A 128 -16.74 -13.87 -19.96
CA GLN A 128 -17.85 -13.45 -20.85
C GLN A 128 -18.99 -14.45 -20.84
N ARG A 129 -20.15 -13.98 -20.40
CA ARG A 129 -21.37 -14.74 -20.40
C ARG A 129 -22.55 -13.87 -20.93
N ASP A 130 -23.40 -14.42 -21.77
CA ASP A 130 -24.70 -13.75 -22.06
C ASP A 130 -25.84 -14.02 -21.07
N GLY A 131 -25.59 -14.77 -20.00
CA GLY A 131 -26.56 -14.90 -18.90
C GLY A 131 -27.75 -15.85 -19.10
N THR A 132 -27.73 -16.63 -20.20
CA THR A 132 -28.90 -17.49 -20.54
C THR A 132 -28.97 -18.87 -19.81
N SER A 133 -27.95 -19.17 -18.99
CA SER A 133 -27.74 -20.53 -18.41
C SER A 133 -26.55 -20.65 -17.42
N ALA A 134 -26.62 -21.66 -16.51
CA ALA A 134 -25.48 -22.06 -15.65
C ALA A 134 -24.43 -22.71 -16.53
N GLU A 135 -23.17 -22.38 -16.31
CA GLU A 135 -22.10 -22.75 -17.21
C GLU A 135 -20.88 -23.13 -16.41
N LEU A 136 -20.12 -24.13 -16.88
CA LEU A 136 -18.90 -24.59 -16.22
C LEU A 136 -17.83 -23.51 -16.33
N PRO A 137 -16.91 -23.43 -15.34
CA PRO A 137 -15.82 -22.47 -15.55
C PRO A 137 -15.07 -22.84 -16.81
N PRO A 138 -14.47 -21.87 -17.55
CA PRO A 138 -13.74 -22.19 -18.78
C PRO A 138 -12.59 -23.19 -18.64
N GLY A 139 -12.50 -24.14 -19.56
CA GLY A 139 -11.51 -25.19 -19.50
C GLY A 139 -11.92 -26.48 -18.73
N PHE A 140 -13.13 -26.53 -18.17
CA PHE A 140 -13.55 -27.64 -17.33
C PHE A 140 -14.44 -28.49 -18.17
N THR A 141 -14.34 -29.81 -18.01
CA THR A 141 -15.25 -30.77 -18.67
C THR A 141 -16.14 -31.33 -17.58
N GLY A 142 -17.39 -31.63 -17.90
CA GLY A 142 -18.31 -32.23 -16.95
C GLY A 142 -19.68 -31.69 -17.25
N SER A 143 -20.46 -31.46 -16.22
CA SER A 143 -21.80 -30.93 -16.39
C SER A 143 -22.28 -30.20 -15.14
N MET A 144 -23.01 -29.12 -15.36
CA MET A 144 -23.65 -28.35 -14.28
C MET A 144 -24.96 -28.98 -13.78
N ASP A 145 -25.52 -29.90 -14.57
CA ASP A 145 -26.68 -30.71 -14.18
C ASP A 145 -26.13 -31.84 -13.32
N VAL A 146 -25.82 -31.55 -12.06
CA VAL A 146 -25.35 -32.55 -11.10
C VAL A 146 -25.98 -32.17 -9.78
N THR A 147 -26.16 -33.15 -8.92
CA THR A 147 -26.66 -32.90 -7.57
C THR A 147 -26.07 -33.89 -6.60
N ASN A 148 -26.09 -33.57 -5.33
CA ASN A 148 -25.67 -34.47 -4.29
C ASN A 148 -26.93 -35.03 -3.57
N HIS A 149 -27.35 -36.25 -3.95
CA HIS A 149 -28.58 -36.89 -3.41
C HIS A 149 -28.47 -37.21 -1.94
N GLY A 150 -27.26 -37.24 -1.40
CA GLY A 150 -27.07 -37.29 0.07
C GLY A 150 -27.14 -35.95 0.78
N LYS A 151 -27.72 -34.92 0.14
CA LYS A 151 -27.74 -33.52 0.67
C LYS A 151 -28.56 -33.39 1.93
N GLY A 152 -29.57 -34.26 2.06
CA GLY A 152 -30.55 -34.26 3.17
C GLY A 152 -31.27 -32.92 3.26
N ASP A 153 -31.14 -32.32 4.43
CA ASP A 153 -31.78 -31.05 4.82
C ASP A 153 -30.93 -29.79 4.54
N VAL A 154 -29.67 -29.95 4.04
CA VAL A 154 -28.83 -28.76 3.68
C VAL A 154 -29.14 -28.22 2.30
N ASP A 155 -29.28 -26.90 2.20
CA ASP A 155 -29.80 -26.30 0.96
C ASP A 155 -29.18 -24.90 0.72
N LEU A 156 -27.85 -24.86 0.57
CA LEU A 156 -27.15 -23.61 0.35
C LEU A 156 -27.57 -23.03 -1.00
N LEU A 157 -27.98 -21.76 -1.04
CA LEU A 157 -28.59 -21.21 -2.25
C LEU A 157 -27.62 -20.45 -3.18
N GLY A 158 -26.59 -19.83 -2.57
CA GLY A 158 -25.67 -18.92 -3.24
C GLY A 158 -24.74 -18.29 -2.21
N ILE A 159 -23.88 -17.44 -2.73
CA ILE A 159 -22.98 -16.74 -1.91
C ILE A 159 -23.64 -15.41 -1.67
N ASP A 160 -23.70 -15.00 -0.43
CA ASP A 160 -24.27 -13.75 -0.08
C ASP A 160 -23.21 -12.66 -0.10
N HIS A 161 -22.04 -12.92 0.52
CA HIS A 161 -20.98 -11.92 0.51
C HIS A 161 -19.67 -12.60 0.87
N PHE A 162 -18.57 -11.87 0.68
CA PHE A 162 -17.26 -12.22 1.13
C PHE A 162 -16.86 -11.17 2.13
N ALA A 163 -16.29 -11.57 3.28
CA ALA A 163 -15.69 -10.66 4.27
C ALA A 163 -14.23 -10.67 4.08
N ILE A 164 -13.62 -9.48 4.11
CA ILE A 164 -12.26 -9.39 3.72
C ILE A 164 -11.52 -8.57 4.75
N CYS A 165 -10.37 -9.09 5.26
CA CYS A 165 -9.44 -8.34 6.16
C CYS A 165 -8.39 -7.61 5.39
N LEU A 166 -8.22 -6.31 5.72
CA LEU A 166 -7.29 -5.41 5.02
C LEU A 166 -6.34 -4.88 6.07
N ASN A 167 -5.11 -4.62 5.68
CA ASN A 167 -4.18 -3.92 6.61
C ASN A 167 -4.69 -2.51 6.99
N ALA A 168 -4.37 -2.04 8.21
CA ALA A 168 -4.84 -0.72 8.67
C ALA A 168 -4.36 0.35 7.68
N GLY A 169 -5.22 1.33 7.40
CA GLY A 169 -4.92 2.36 6.39
C GLY A 169 -5.29 1.94 4.94
N ASP A 170 -5.79 0.70 4.72
CA ASP A 170 -6.09 0.23 3.37
C ASP A 170 -7.57 0.21 3.05
N LEU A 171 -8.44 0.38 4.04
CA LEU A 171 -9.89 0.36 3.77
C LEU A 171 -10.38 1.43 2.75
N GLY A 172 -10.08 2.71 3.04
CA GLY A 172 -10.52 3.86 2.26
C GLY A 172 -10.13 3.66 0.80
N PRO A 173 -8.84 3.39 0.53
CA PRO A 173 -8.39 3.14 -0.88
C PRO A 173 -8.89 1.88 -1.60
N THR A 174 -9.27 0.85 -0.86
CA THR A 174 -9.78 -0.38 -1.48
C THR A 174 -11.25 -0.14 -1.80
N VAL A 175 -11.97 0.59 -0.93
CA VAL A 175 -13.34 1.05 -1.27
C VAL A 175 -13.36 1.86 -2.57
N GLU A 176 -12.47 2.83 -2.69
CA GLU A 176 -12.35 3.64 -3.87
C GLU A 176 -11.96 2.92 -5.13
N TYR A 177 -11.02 2.00 -5.04
CA TYR A 177 -10.76 1.07 -6.13
C TYR A 177 -11.99 0.31 -6.64
N TYR A 178 -12.72 -0.35 -5.74
CA TYR A 178 -13.93 -1.06 -6.22
C TYR A 178 -14.99 -0.10 -6.84
N GLU A 179 -15.13 1.09 -6.27
CA GLU A 179 -16.07 2.10 -6.80
C GLU A 179 -15.63 2.62 -8.21
N ARG A 180 -14.38 3.02 -8.34
CA ARG A 180 -13.90 3.59 -9.61
C ARG A 180 -13.62 2.56 -10.63
N ALA A 181 -12.92 1.50 -10.30
CA ALA A 181 -12.57 0.52 -11.38
C ALA A 181 -13.72 -0.39 -11.83
N LEU A 182 -14.69 -0.60 -10.93
CA LEU A 182 -15.61 -1.72 -11.13
C LEU A 182 -17.09 -1.32 -10.99
N GLY A 183 -17.32 -0.05 -10.65
CA GLY A 183 -18.68 0.50 -10.52
C GLY A 183 -19.43 0.08 -9.27
N PHE A 184 -18.73 -0.39 -8.22
CA PHE A 184 -19.34 -0.87 -6.97
C PHE A 184 -19.80 0.38 -6.16
N ARG A 185 -20.76 0.21 -5.26
CA ARG A 185 -21.17 1.33 -4.46
C ARG A 185 -21.00 0.98 -3.01
N GLN A 186 -20.73 1.97 -2.19
CA GLN A 186 -20.77 1.80 -0.70
C GLN A 186 -22.20 1.77 -0.17
N ILE A 187 -22.61 0.64 0.42
CA ILE A 187 -23.96 0.45 0.89
C ILE A 187 -24.11 0.38 2.42
N PHE A 188 -23.01 0.25 3.16
CA PHE A 188 -23.10 0.00 4.57
C PHE A 188 -21.74 0.24 5.12
N ASP A 189 -21.67 0.67 6.37
CA ASP A 189 -20.40 0.89 7.10
C ASP A 189 -20.69 0.80 8.61
N GLU A 190 -19.66 0.38 9.37
CA GLU A 190 -19.83 -0.02 10.75
C GLU A 190 -18.50 0.00 11.42
N HIS A 191 -18.46 0.76 12.49
CA HIS A 191 -17.32 0.75 13.41
C HIS A 191 -17.61 -0.33 14.46
N ILE A 192 -16.77 -1.36 14.53
CA ILE A 192 -17.06 -2.55 15.36
C ILE A 192 -16.17 -2.48 16.60
N VAL A 193 -16.77 -2.71 17.77
CA VAL A 193 -16.03 -2.84 19.06
C VAL A 193 -16.26 -4.20 19.76
N VAL A 194 -15.15 -4.81 20.18
CA VAL A 194 -15.16 -6.05 20.98
C VAL A 194 -14.12 -5.82 22.08
N GLY A 195 -14.61 -5.59 23.31
CA GLY A 195 -13.72 -5.27 24.44
C GLY A 195 -12.87 -4.04 24.22
N ALA A 196 -11.57 -4.23 24.15
CA ALA A 196 -10.64 -3.10 23.99
C ALA A 196 -10.12 -3.08 22.54
N GLN A 197 -10.57 -4.03 21.73
CA GLN A 197 -10.24 -3.93 20.29
C GLN A 197 -11.37 -3.25 19.45
N ALA A 198 -11.00 -2.66 18.33
CA ALA A 198 -12.03 -2.18 17.40
C ALA A 198 -11.67 -2.43 15.92
N MET A 199 -12.66 -2.35 15.02
CA MET A 199 -12.45 -2.48 13.58
C MET A 199 -13.26 -1.41 12.88
N ASN A 200 -12.79 -0.96 11.72
CA ASN A 200 -13.56 -0.16 10.79
C ASN A 200 -13.98 -1.07 9.66
N SER A 201 -15.16 -0.84 9.14
CA SER A 201 -15.65 -1.68 8.06
C SER A 201 -16.54 -0.88 7.13
N THR A 202 -16.52 -1.24 5.84
CA THR A 202 -17.37 -0.63 4.83
C THR A 202 -17.72 -1.79 3.87
N VAL A 203 -18.98 -1.83 3.46
CA VAL A 203 -19.44 -2.80 2.47
C VAL A 203 -19.58 -2.15 1.10
N VAL A 204 -18.86 -2.65 0.09
CA VAL A 204 -19.12 -2.28 -1.33
C VAL A 204 -19.83 -3.38 -2.05
N GLN A 205 -20.66 -3.03 -3.01
CA GLN A 205 -21.45 -4.01 -3.71
C GLN A 205 -21.57 -3.66 -5.17
N SER A 206 -21.54 -4.64 -6.08
CA SER A 206 -21.57 -4.36 -7.53
C SER A 206 -22.89 -3.66 -7.81
N ALA A 207 -22.98 -2.97 -8.94
CA ALA A 207 -24.25 -2.30 -9.33
C ALA A 207 -25.42 -3.26 -9.53
N SER A 208 -25.14 -4.48 -9.96
CA SER A 208 -26.15 -5.53 -10.08
C SER A 208 -26.73 -6.03 -8.73
N GLY A 209 -26.08 -5.73 -7.60
CA GLY A 209 -26.47 -6.40 -6.34
C GLY A 209 -25.75 -7.73 -6.04
N ALA A 210 -25.01 -8.31 -6.98
CA ALA A 210 -24.69 -9.72 -6.87
C ALA A 210 -23.30 -10.04 -6.24
N VAL A 211 -22.38 -9.05 -6.19
CA VAL A 211 -21.10 -9.26 -5.60
C VAL A 211 -20.98 -8.27 -4.40
N THR A 212 -20.95 -8.80 -3.19
CA THR A 212 -20.81 -7.97 -2.00
C THR A 212 -19.56 -8.32 -1.20
N LEU A 213 -18.83 -7.27 -0.78
CA LEU A 213 -17.64 -7.43 -0.01
C LEU A 213 -17.75 -6.62 1.23
N THR A 214 -17.63 -7.30 2.39
CA THR A 214 -17.58 -6.61 3.61
C THR A 214 -16.14 -6.45 4.00
N LEU A 215 -15.64 -5.22 3.82
CA LEU A 215 -14.19 -4.92 3.99
C LEU A 215 -13.93 -4.47 5.42
N ILE A 216 -12.89 -5.01 6.07
CA ILE A 216 -12.66 -4.75 7.47
C ILE A 216 -11.17 -4.45 7.68
N GLU A 217 -10.82 -3.40 8.40
CA GLU A 217 -9.45 -3.21 8.78
C GLU A 217 -9.39 -3.05 10.31
N PRO A 218 -8.22 -3.28 10.92
CA PRO A 218 -8.05 -2.95 12.35
C PRO A 218 -8.21 -1.45 12.55
N ASP A 219 -8.84 -1.06 13.65
CA ASP A 219 -8.79 0.32 14.17
C ASP A 219 -7.48 0.55 14.95
N ARG A 220 -6.58 1.34 14.40
CA ARG A 220 -5.34 1.55 15.12
C ARG A 220 -5.46 2.40 16.42
N ASN A 221 -6.63 2.97 16.69
CA ASN A 221 -6.87 3.66 17.95
C ASN A 221 -7.20 2.72 19.11
N ALA A 222 -7.53 1.45 18.83
CA ALA A 222 -7.83 0.47 19.89
C ALA A 222 -6.71 -0.59 20.03
N ASP A 223 -6.87 -1.61 20.89
CA ASP A 223 -5.85 -2.70 20.98
C ASP A 223 -5.98 -3.63 19.79
N PRO A 224 -4.85 -4.28 19.38
CA PRO A 224 -4.88 -5.27 18.31
C PRO A 224 -5.75 -6.45 18.67
N GLY A 225 -6.46 -7.04 17.70
CA GLY A 225 -7.30 -8.22 17.98
C GLY A 225 -7.43 -9.22 16.85
N GLN A 226 -8.64 -9.66 16.58
CA GLN A 226 -8.96 -10.61 15.52
C GLN A 226 -8.43 -10.33 14.10
N ILE A 227 -8.66 -9.13 13.62
CA ILE A 227 -8.21 -8.73 12.26
C ILE A 227 -6.69 -8.72 12.23
N ASP A 228 -6.03 -8.17 13.26
CA ASP A 228 -4.55 -8.24 13.32
C ASP A 228 -4.04 -9.69 13.31
N GLU A 229 -4.67 -10.55 14.11
CA GLU A 229 -4.34 -11.97 14.09
C GLU A 229 -4.48 -12.58 12.70
N PHE A 230 -5.63 -12.35 12.02
CA PHE A 230 -5.82 -12.81 10.65
C PHE A 230 -4.72 -12.34 9.75
N LEU A 231 -4.38 -11.05 9.81
CA LEU A 231 -3.38 -10.48 8.92
C LEU A 231 -1.98 -11.08 9.14
N LYS A 232 -1.64 -11.30 10.41
CA LYS A 232 -0.40 -11.95 10.76
C LYS A 232 -0.33 -13.44 10.28
N ASP A 233 -1.32 -14.22 10.70
CA ASP A 233 -1.42 -15.68 10.36
C ASP A 233 -1.61 -15.95 8.85
N HIS A 234 -2.45 -15.16 8.16
CA HIS A 234 -2.70 -15.34 6.69
C HIS A 234 -1.49 -14.83 5.95
N GLN A 235 -0.78 -13.88 6.56
CA GLN A 235 0.35 -13.14 5.96
C GLN A 235 -0.07 -12.11 4.87
N GLY A 236 -1.11 -11.35 5.18
CA GLY A 236 -1.59 -10.44 4.20
C GLY A 236 -3.08 -10.21 4.30
N ALA A 237 -3.57 -9.38 3.36
CA ALA A 237 -5.01 -9.06 3.30
C ALA A 237 -5.62 -10.33 2.66
N GLY A 238 -6.87 -10.66 2.93
CA GLY A 238 -7.43 -11.87 2.33
C GLY A 238 -8.84 -12.06 2.74
N VAL A 239 -9.45 -13.09 2.15
CA VAL A 239 -10.82 -13.47 2.47
C VAL A 239 -10.86 -14.17 3.81
N GLN A 240 -11.49 -13.52 4.77
CA GLN A 240 -11.73 -14.08 6.07
C GLN A 240 -12.90 -15.07 6.12
N HIS A 241 -14.07 -14.76 5.52
CA HIS A 241 -15.17 -15.72 5.43
C HIS A 241 -15.98 -15.51 4.19
N ILE A 242 -16.64 -16.57 3.76
CA ILE A 242 -17.66 -16.55 2.70
C ILE A 242 -18.98 -16.87 3.38
N ALA A 243 -20.02 -16.06 3.13
CA ALA A 243 -21.41 -16.28 3.59
C ALA A 243 -22.30 -16.94 2.54
N PHE A 244 -22.98 -18.02 2.93
CA PHE A 244 -23.89 -18.75 2.06
C PHE A 244 -25.37 -18.48 2.50
N ASN A 245 -26.22 -18.14 1.51
CA ASN A 245 -27.65 -17.91 1.71
C ASN A 245 -28.37 -19.21 1.96
N SER A 246 -29.28 -19.18 2.92
CA SER A 246 -30.29 -20.22 2.96
C SER A 246 -31.67 -19.62 3.23
N ASN A 247 -32.68 -20.44 2.97
CA ASN A 247 -34.09 -20.14 3.21
C ASN A 247 -34.45 -20.23 4.68
N ASP A 248 -33.59 -20.87 5.48
CA ASP A 248 -33.88 -21.21 6.88
C ASP A 248 -32.58 -21.55 7.61
N ALA A 249 -32.01 -20.59 8.32
CA ALA A 249 -30.70 -20.75 8.92
C ALA A 249 -30.74 -21.79 10.05
N VAL A 250 -31.82 -21.82 10.82
CA VAL A 250 -31.99 -22.83 11.91
C VAL A 250 -31.90 -24.28 11.38
N ARG A 251 -32.65 -24.59 10.35
CA ARG A 251 -32.62 -25.88 9.75
C ARG A 251 -31.23 -26.23 9.08
N ALA A 252 -30.53 -25.22 8.55
CA ALA A 252 -29.22 -25.41 7.94
C ALA A 252 -28.19 -25.68 9.01
N VAL A 253 -28.28 -24.97 10.13
CA VAL A 253 -27.35 -25.29 11.22
C VAL A 253 -27.51 -26.73 11.73
N LYS A 254 -28.75 -27.19 11.92
CA LYS A 254 -29.05 -28.58 12.30
C LYS A 254 -28.47 -29.60 11.30
N ALA A 255 -28.80 -29.46 10.01
CA ALA A 255 -28.34 -30.33 8.94
C ALA A 255 -26.80 -30.36 8.76
N LEU A 256 -26.16 -29.18 8.80
CA LEU A 256 -24.72 -29.09 8.70
C LEU A 256 -23.99 -29.62 9.93
N SER A 257 -24.54 -29.37 11.12
CA SER A 257 -24.02 -29.96 12.39
C SER A 257 -23.90 -31.49 12.39
N GLU A 258 -24.93 -32.15 11.86
CA GLU A 258 -24.93 -33.61 11.73
C GLU A 258 -23.89 -34.10 10.78
N ARG A 259 -23.56 -33.30 9.75
CA ARG A 259 -22.52 -33.68 8.82
C ARG A 259 -21.10 -33.35 9.35
N GLY A 260 -20.97 -32.84 10.57
CA GLY A 260 -19.65 -32.60 11.12
C GLY A 260 -19.18 -31.17 11.22
N VAL A 261 -19.99 -30.21 10.75
CA VAL A 261 -19.59 -28.76 10.78
C VAL A 261 -19.78 -28.22 12.20
N GLU A 262 -18.76 -27.60 12.76
CA GLU A 262 -18.85 -27.04 14.08
C GLU A 262 -19.10 -25.51 13.91
N PHE A 263 -20.11 -25.00 14.64
CA PHE A 263 -20.56 -23.59 14.64
C PHE A 263 -20.09 -22.85 15.89
N LEU A 264 -19.95 -21.52 15.85
CA LEU A 264 -19.43 -20.83 17.05
C LEU A 264 -20.51 -20.80 18.15
N LYS A 265 -20.11 -20.75 19.42
CA LYS A 265 -21.11 -20.69 20.50
C LYS A 265 -21.40 -19.22 20.91
N THR A 266 -22.68 -18.99 21.15
CA THR A 266 -23.20 -17.71 21.69
C THR A 266 -23.89 -17.97 23.04
N PRO A 267 -23.38 -17.33 24.12
CA PRO A 267 -23.80 -17.59 25.52
C PRO A 267 -25.27 -17.22 25.79
N GLY A 268 -25.92 -17.90 26.74
CA GLY A 268 -27.39 -17.69 27.05
C GLY A 268 -27.80 -16.25 27.43
N ALA A 269 -26.92 -15.53 28.12
CA ALA A 269 -27.03 -14.08 28.34
C ALA A 269 -27.56 -13.34 27.07
N TYR A 270 -27.02 -13.68 25.88
CA TYR A 270 -27.44 -13.04 24.64
C TYR A 270 -28.89 -13.29 24.33
N TYR A 271 -29.34 -14.52 24.44
CA TYR A 271 -30.75 -14.85 24.17
C TYR A 271 -31.69 -14.31 25.30
N ASP A 272 -31.14 -14.02 26.49
CA ASP A 272 -31.95 -13.43 27.57
C ASP A 272 -32.27 -11.96 27.22
N LEU A 273 -31.21 -11.22 26.87
CA LEU A 273 -31.27 -9.85 26.36
C LEU A 273 -32.12 -9.64 25.08
N LEU A 274 -32.49 -10.71 24.37
CA LEU A 274 -32.92 -10.56 22.96
C LEU A 274 -34.33 -10.00 22.74
N GLY A 275 -35.32 -10.55 23.44
CA GLY A 275 -36.74 -10.21 23.23
C GLY A 275 -37.08 -8.75 23.48
N GLU A 276 -36.23 -8.12 24.28
CA GLU A 276 -36.27 -6.67 24.53
C GLU A 276 -35.61 -5.85 23.39
N ARG A 277 -34.83 -6.50 22.51
CA ARG A 277 -34.11 -5.79 21.44
C ARG A 277 -34.91 -5.89 20.14
N ILE A 278 -35.49 -7.05 19.91
CA ILE A 278 -36.07 -7.39 18.62
C ILE A 278 -37.23 -8.28 18.90
N THR A 279 -38.30 -8.18 18.10
CA THR A 279 -39.38 -9.13 18.23
C THR A 279 -39.37 -9.98 16.96
N LEU A 280 -38.98 -11.26 17.14
CA LEU A 280 -38.78 -12.23 16.05
C LEU A 280 -40.00 -12.43 15.18
N GLN A 281 -39.78 -12.74 13.92
CA GLN A 281 -40.84 -12.87 12.93
C GLN A 281 -40.80 -14.20 12.19
N THR A 282 -39.68 -14.91 12.16
CA THR A 282 -39.80 -16.20 11.48
C THR A 282 -39.35 -17.44 12.30
N HIS A 283 -38.55 -17.21 13.34
CA HIS A 283 -38.13 -18.34 14.18
C HIS A 283 -38.55 -18.13 15.65
N SER A 284 -38.54 -19.21 16.43
CA SER A 284 -38.77 -19.06 17.87
C SER A 284 -37.46 -18.70 18.57
N LEU A 285 -37.56 -18.08 19.73
CA LEU A 285 -36.34 -17.82 20.49
C LEU A 285 -35.69 -19.14 20.92
N ASP A 286 -36.49 -20.21 20.97
CA ASP A 286 -35.98 -21.52 21.39
C ASP A 286 -35.03 -22.08 20.35
N ASP A 287 -35.55 -22.17 19.13
CA ASP A 287 -34.78 -22.52 17.91
C ASP A 287 -33.40 -21.86 17.80
N LEU A 288 -33.34 -20.54 18.00
CA LEU A 288 -32.12 -19.74 17.90
C LEU A 288 -31.12 -20.08 18.96
N ARG A 289 -31.63 -20.22 20.18
CA ARG A 289 -30.88 -20.59 21.39
C ARG A 289 -30.16 -21.95 21.19
N ALA A 290 -30.90 -22.90 20.61
CA ALA A 290 -30.46 -24.25 20.35
C ALA A 290 -29.38 -24.35 19.25
N THR A 291 -29.40 -23.39 18.31
CA THR A 291 -28.51 -23.44 17.15
C THR A 291 -27.43 -22.35 17.19
N ASN A 292 -27.42 -21.52 18.24
CA ASN A 292 -26.53 -20.39 18.40
C ASN A 292 -26.60 -19.39 17.19
N VAL A 293 -27.74 -19.38 16.49
CA VAL A 293 -28.05 -18.41 15.43
C VAL A 293 -28.34 -17.04 16.03
N LEU A 294 -27.80 -16.00 15.37
CA LEU A 294 -27.94 -14.58 15.77
C LEU A 294 -29.03 -13.85 14.96
N ALA A 295 -29.80 -12.98 15.64
CA ALA A 295 -30.94 -12.29 14.98
C ALA A 295 -30.83 -10.74 15.02
N ASP A 296 -31.08 -10.07 13.88
CA ASP A 296 -30.99 -8.60 13.83
C ASP A 296 -31.93 -8.17 12.73
N GLU A 297 -31.87 -6.89 12.38
CA GLU A 297 -32.87 -6.24 11.53
C GLU A 297 -32.27 -5.06 10.76
N ASP A 298 -32.89 -4.79 9.62
CA ASP A 298 -32.49 -3.79 8.62
C ASP A 298 -33.77 -3.02 8.40
N HIS A 299 -33.71 -1.87 7.69
CA HIS A 299 -34.96 -1.20 7.27
C HIS A 299 -35.83 -2.20 6.59
N GLY A 300 -35.24 -3.19 5.91
CA GLY A 300 -36.00 -4.02 4.97
C GLY A 300 -36.60 -5.30 5.56
N GLY A 301 -36.16 -5.67 6.77
CA GLY A 301 -36.65 -6.92 7.37
C GLY A 301 -35.58 -7.57 8.24
N GLN A 302 -35.72 -8.86 8.50
CA GLN A 302 -34.79 -9.47 9.45
C GLN A 302 -33.70 -10.33 8.87
N LEU A 303 -32.66 -10.50 9.68
CA LEU A 303 -31.41 -11.08 9.27
C LEU A 303 -31.05 -12.16 10.29
N PHE A 304 -30.82 -13.39 9.83
CA PHE A 304 -30.24 -14.44 10.73
C PHE A 304 -28.89 -14.94 10.21
N GLN A 305 -27.84 -14.84 11.04
CA GLN A 305 -26.49 -15.22 10.65
C GLN A 305 -25.80 -16.12 11.69
N ILE A 306 -24.84 -16.93 11.23
CA ILE A 306 -23.95 -17.67 12.12
C ILE A 306 -22.61 -17.93 11.42
N PHE A 307 -21.54 -17.89 12.21
CA PHE A 307 -20.20 -18.28 11.83
C PHE A 307 -19.86 -19.75 12.23
N THR A 308 -19.06 -20.36 11.38
CA THR A 308 -18.49 -21.70 11.49
C THR A 308 -17.14 -21.51 12.23
N ALA A 309 -16.68 -22.54 12.93
CA ALA A 309 -15.36 -22.48 13.54
C ALA A 309 -14.42 -22.82 12.40
N SER A 310 -13.27 -22.18 12.36
CA SER A 310 -12.29 -22.42 11.30
C SER A 310 -11.69 -23.84 11.46
N THR A 311 -11.66 -24.59 10.35
CA THR A 311 -10.92 -25.80 10.32
C THR A 311 -9.60 -25.66 9.51
N HIS A 312 -9.17 -24.46 9.23
CA HIS A 312 -7.96 -24.28 8.49
C HIS A 312 -6.84 -24.49 9.48
N PRO A 313 -5.70 -25.07 9.02
CA PRO A 313 -4.50 -25.24 9.92
C PRO A 313 -3.99 -23.94 10.57
N ARG A 314 -4.16 -22.78 9.92
CA ARG A 314 -3.78 -21.49 10.55
C ARG A 314 -4.93 -20.85 11.27
N HIS A 315 -6.11 -21.46 11.20
CA HIS A 315 -7.33 -20.92 11.81
C HIS A 315 -7.78 -19.58 11.18
N THR A 316 -7.50 -19.40 9.90
CA THR A 316 -7.82 -18.18 9.25
C THR A 316 -9.26 -18.12 8.71
N ILE A 317 -9.52 -18.75 7.58
CA ILE A 317 -10.82 -18.66 6.88
C ILE A 317 -11.87 -19.51 7.57
N PHE A 318 -13.11 -19.03 7.53
CA PHE A 318 -14.23 -19.73 8.06
C PHE A 318 -15.46 -19.36 7.21
N PHE A 319 -16.63 -19.89 7.54
CA PHE A 319 -17.80 -19.69 6.69
C PHE A 319 -18.99 -19.21 7.48
N GLU A 320 -20.05 -18.83 6.79
CA GLU A 320 -21.15 -18.22 7.50
C GLU A 320 -22.39 -18.74 6.83
N VAL A 321 -23.42 -19.03 7.61
CA VAL A 321 -24.75 -19.27 7.06
C VAL A 321 -25.58 -18.04 7.36
N ILE A 322 -26.30 -17.53 6.37
CA ILE A 322 -27.11 -16.31 6.51
C ILE A 322 -28.49 -16.49 5.87
N GLU A 323 -29.55 -16.15 6.60
CA GLU A 323 -30.92 -16.14 5.98
C GLU A 323 -31.45 -14.72 6.08
N ARG A 324 -31.89 -14.18 4.96
CA ARG A 324 -32.43 -12.81 4.90
C ARG A 324 -33.94 -12.94 4.82
N GLN A 325 -34.65 -12.24 5.71
CA GLN A 325 -36.11 -12.20 5.56
C GLN A 325 -36.49 -10.72 5.32
N GLY A 326 -36.10 -10.26 4.13
CA GLY A 326 -36.26 -8.87 3.68
C GLY A 326 -35.07 -8.01 4.00
N ALA A 327 -34.23 -8.38 4.97
CA ALA A 327 -33.03 -7.54 5.28
C ALA A 327 -32.21 -7.36 4.01
N GLY A 328 -31.87 -6.13 3.70
CA GLY A 328 -31.12 -5.86 2.46
C GLY A 328 -29.62 -5.72 2.73
N THR A 329 -29.20 -5.31 3.92
CA THR A 329 -27.79 -5.08 4.20
C THR A 329 -27.43 -5.97 5.46
N PHE A 330 -26.89 -5.34 6.51
CA PHE A 330 -26.40 -5.96 7.73
C PHE A 330 -26.95 -5.25 8.98
N GLY A 331 -26.49 -5.64 10.17
CA GLY A 331 -26.95 -4.96 11.41
C GLY A 331 -25.93 -5.04 12.49
N SER A 332 -25.76 -3.90 13.15
CA SER A 332 -24.83 -3.68 14.22
C SER A 332 -24.77 -4.74 15.30
N SER A 333 -25.94 -5.27 15.65
CA SER A 333 -26.06 -6.20 16.74
C SER A 333 -25.56 -7.58 16.28
N ASN A 334 -25.99 -8.07 15.12
CA ASN A 334 -25.38 -9.26 14.53
C ASN A 334 -23.86 -9.18 14.38
N ILE A 335 -23.35 -8.06 13.92
CA ILE A 335 -21.93 -7.94 13.65
C ILE A 335 -21.15 -7.94 14.95
N LYS A 336 -21.70 -7.24 15.94
CA LYS A 336 -21.00 -7.18 17.21
C LYS A 336 -20.95 -8.63 17.81
N ALA A 337 -22.07 -9.33 17.76
CA ALA A 337 -22.22 -10.67 18.31
C ALA A 337 -21.41 -11.75 17.55
N LEU A 338 -21.17 -11.53 16.24
CA LEU A 338 -20.48 -12.49 15.41
C LEU A 338 -19.04 -12.42 15.83
N TYR A 339 -18.53 -11.21 15.95
CA TYR A 339 -17.15 -11.03 16.33
C TYR A 339 -16.87 -11.33 17.82
N GLU A 340 -17.91 -11.22 18.62
CA GLU A 340 -17.84 -11.68 19.98
C GLU A 340 -17.88 -13.22 20.10
N ALA A 341 -18.69 -13.93 19.32
CA ALA A 341 -18.47 -15.37 19.17
C ALA A 341 -17.00 -15.75 18.79
N VAL A 342 -16.38 -14.98 17.88
CA VAL A 342 -15.06 -15.30 17.42
C VAL A 342 -14.11 -15.12 18.59
N GLU A 343 -14.25 -13.98 19.27
CA GLU A 343 -13.38 -13.64 20.40
C GLU A 343 -13.45 -14.71 21.52
N LEU A 344 -14.66 -15.16 21.86
CA LEU A 344 -14.89 -16.25 22.78
C LEU A 344 -14.17 -17.55 22.37
N GLU A 345 -14.23 -17.91 21.10
CA GLU A 345 -13.63 -19.14 20.63
C GLU A 345 -12.10 -19.09 20.79
N ARG A 346 -11.53 -17.91 20.56
CA ARG A 346 -10.09 -17.80 20.34
C ARG A 346 -9.32 -17.35 21.58
N THR A 347 -10.00 -16.74 22.54
CA THR A 347 -9.37 -16.19 23.73
C THR A 347 -9.88 -17.01 24.89
N GLY A 348 -11.12 -17.50 24.77
CA GLY A 348 -11.71 -18.35 25.79
C GLY A 348 -12.39 -17.48 26.84
N GLN B 2 18.96 -1.85 9.23
CA GLN B 2 19.35 -2.63 8.03
C GLN B 2 20.73 -2.31 7.43
N ASN B 3 20.70 -2.26 6.09
CA ASN B 3 21.81 -1.93 5.23
C ASN B 3 21.28 -0.93 4.16
N PHE B 4 20.72 0.18 4.66
CA PHE B 4 19.89 1.10 3.87
C PHE B 4 20.54 1.71 2.65
N GLU B 5 19.86 1.58 1.51
CA GLU B 5 20.20 2.36 0.29
C GLU B 5 18.97 3.16 -0.11
N ILE B 6 19.16 4.11 -1.01
CA ILE B 6 18.03 4.90 -1.46
C ILE B 6 17.43 4.10 -2.60
N ASP B 7 16.23 3.61 -2.38
CA ASP B 7 15.54 2.93 -3.45
C ASP B 7 14.94 3.98 -4.39
N TYR B 8 14.26 5.00 -3.87
CA TYR B 8 13.81 6.10 -4.74
C TYR B 8 13.40 7.23 -3.77
N VAL B 9 13.25 8.42 -4.34
CA VAL B 9 12.68 9.58 -3.68
C VAL B 9 11.38 9.86 -4.43
N GLU B 10 10.30 9.99 -3.69
CA GLU B 10 9.00 10.34 -4.23
C GLU B 10 8.67 11.78 -3.94
N MET B 11 8.32 12.51 -5.00
CA MET B 11 7.76 13.85 -4.86
C MET B 11 6.31 13.86 -5.30
N TYR B 12 5.48 14.53 -4.51
CA TYR B 12 4.09 14.70 -4.87
C TYR B 12 4.07 15.92 -5.75
N VAL B 13 3.30 15.86 -6.85
CA VAL B 13 3.26 16.99 -7.81
C VAL B 13 1.83 17.31 -8.23
N GLU B 14 1.58 18.59 -8.49
CA GLU B 14 0.25 19.02 -8.97
C GLU B 14 -0.04 18.66 -10.42
N ASN B 15 1.02 18.60 -11.25
CA ASN B 15 0.89 18.26 -12.65
C ASN B 15 1.90 17.25 -13.06
N LEU B 16 1.49 15.99 -13.15
CA LEU B 16 2.41 14.90 -13.36
C LEU B 16 3.28 15.10 -14.63
N GLU B 17 2.63 15.31 -15.78
CA GLU B 17 3.37 15.34 -17.05
C GLU B 17 4.32 16.54 -17.19
N VAL B 18 3.88 17.66 -16.69
CA VAL B 18 4.69 18.89 -16.71
C VAL B 18 5.91 18.77 -15.76
N ALA B 19 5.70 18.34 -14.52
CA ALA B 19 6.84 18.21 -13.61
C ALA B 19 7.85 17.17 -14.11
N ALA B 20 7.38 16.04 -14.66
CA ALA B 20 8.25 15.00 -15.16
C ALA B 20 9.05 15.46 -16.38
N PHE B 21 8.38 16.16 -17.30
CA PHE B 21 9.10 16.75 -18.43
C PHE B 21 10.23 17.74 -18.02
N SER B 22 9.98 18.61 -17.08
CA SER B 22 11.04 19.45 -16.49
C SER B 22 12.37 18.72 -16.12
N TRP B 23 12.27 17.55 -15.50
CA TRP B 23 13.39 16.73 -15.12
C TRP B 23 14.06 16.06 -16.29
N VAL B 24 13.29 15.56 -17.26
CA VAL B 24 13.82 15.00 -18.51
C VAL B 24 14.51 16.11 -19.36
N ASP B 25 13.80 17.18 -19.58
CA ASP B 25 14.31 18.29 -20.36
C ASP B 25 15.58 18.96 -19.69
N LYS B 26 15.40 19.57 -18.52
CA LYS B 26 16.47 20.31 -17.81
C LYS B 26 17.61 19.40 -17.34
N TYR B 27 17.29 18.23 -16.79
CA TYR B 27 18.28 17.43 -15.98
C TYR B 27 18.72 16.13 -16.59
N ALA B 28 18.14 15.82 -17.75
CA ALA B 28 18.43 14.64 -18.55
C ALA B 28 18.10 13.29 -17.89
N PHE B 29 17.06 13.25 -17.05
CA PHE B 29 16.52 11.97 -16.57
C PHE B 29 15.81 11.29 -17.73
N ALA B 30 15.75 9.96 -17.69
CA ALA B 30 14.93 9.17 -18.61
C ALA B 30 13.78 8.45 -17.86
N VAL B 31 12.69 8.17 -18.55
CA VAL B 31 11.52 7.57 -17.93
C VAL B 31 11.79 6.10 -17.91
N ALA B 32 11.69 5.54 -16.70
CA ALA B 32 11.99 4.14 -16.51
C ALA B 32 10.70 3.34 -16.39
N GLY B 33 9.61 3.96 -15.94
CA GLY B 33 8.38 3.24 -15.69
C GLY B 33 7.28 4.17 -15.24
N THR B 34 6.06 3.66 -15.17
CA THR B 34 4.97 4.42 -14.62
C THR B 34 4.18 3.47 -13.75
N SER B 35 3.18 4.02 -13.08
CA SER B 35 2.20 3.27 -12.31
C SER B 35 1.00 4.20 -11.99
N ARG B 36 -0.19 3.61 -11.86
CA ARG B 36 -1.45 4.32 -11.49
C ARG B 36 -2.30 3.34 -10.69
N SER B 37 -3.19 3.88 -9.89
CA SER B 37 -4.21 3.09 -9.28
C SER B 37 -5.46 3.99 -9.35
N ALA B 38 -6.51 3.62 -8.64
CA ALA B 38 -7.73 4.41 -8.62
C ALA B 38 -7.53 5.79 -8.00
N ASP B 39 -6.41 6.03 -7.31
CA ASP B 39 -6.25 7.30 -6.58
C ASP B 39 -4.99 8.11 -6.85
N HIS B 40 -4.14 7.64 -7.76
CA HIS B 40 -2.96 8.43 -8.15
C HIS B 40 -2.38 7.94 -9.46
N ARG B 41 -1.58 8.79 -10.09
CA ARG B 41 -0.73 8.36 -11.23
C ARG B 41 0.72 8.78 -10.93
N SER B 42 1.67 7.94 -11.34
CA SER B 42 3.11 8.17 -11.12
C SER B 42 3.98 7.87 -12.30
N ILE B 43 5.13 8.50 -12.31
CA ILE B 43 6.14 8.27 -13.28
C ILE B 43 7.46 8.08 -12.52
N ALA B 44 8.25 7.05 -12.89
CA ALA B 44 9.56 6.81 -12.26
C ALA B 44 10.61 7.28 -13.25
N LEU B 45 11.47 8.20 -12.83
CA LEU B 45 12.55 8.74 -13.67
C LEU B 45 13.89 8.19 -13.14
N ARG B 46 14.85 8.06 -14.04
CA ARG B 46 16.08 7.41 -13.72
C ARG B 46 17.28 8.15 -14.32
N GLN B 47 18.35 8.32 -13.52
CA GLN B 47 19.67 8.77 -14.05
C GLN B 47 20.75 8.26 -13.08
N GLY B 48 21.64 7.41 -13.59
CA GLY B 48 22.70 6.76 -12.79
C GLY B 48 22.01 5.89 -11.77
N GLN B 49 22.36 6.06 -10.48
CA GLN B 49 21.61 5.42 -9.39
C GLN B 49 20.48 6.31 -8.86
N VAL B 50 20.13 7.44 -9.49
CA VAL B 50 18.97 8.26 -8.96
C VAL B 50 17.68 7.66 -9.61
N THR B 51 16.79 7.22 -8.71
CA THR B 51 15.37 7.06 -9.05
C THR B 51 14.47 8.05 -8.37
N LEU B 52 13.75 8.82 -9.19
CA LEU B 52 12.80 9.82 -8.74
C LEU B 52 11.44 9.34 -9.15
N VAL B 53 10.49 9.36 -8.22
CA VAL B 53 9.15 8.98 -8.54
C VAL B 53 8.32 10.22 -8.37
N LEU B 54 7.60 10.61 -9.44
CA LEU B 54 6.64 11.73 -9.33
C LEU B 54 5.22 11.18 -9.26
N THR B 55 4.42 11.69 -8.31
CA THR B 55 3.12 11.19 -8.03
C THR B 55 2.10 12.33 -7.95
N GLU B 56 1.06 12.22 -8.80
CA GLU B 56 -0.06 13.15 -8.75
C GLU B 56 -1.33 12.44 -8.19
N PRO B 57 -1.97 13.03 -7.18
CA PRO B 57 -3.17 12.34 -6.64
C PRO B 57 -4.37 12.58 -7.54
N THR B 58 -5.25 11.62 -7.60
CA THR B 58 -6.32 11.67 -8.57
C THR B 58 -7.62 11.68 -7.73
N SER B 59 -7.45 11.65 -6.41
CA SER B 59 -8.60 11.58 -5.52
C SER B 59 -8.23 12.40 -4.30
N ASP B 60 -9.19 13.11 -3.71
CA ASP B 60 -8.89 13.99 -2.57
C ASP B 60 -8.76 13.13 -1.32
N ARG B 61 -8.80 11.82 -1.53
CA ARG B 61 -8.58 10.83 -0.50
C ARG B 61 -7.11 10.45 -0.34
N HIS B 62 -6.32 10.39 -1.44
CA HIS B 62 -4.90 10.04 -1.41
C HIS B 62 -4.13 11.07 -0.57
N PRO B 63 -3.05 10.65 0.19
CA PRO B 63 -2.41 11.67 1.10
C PRO B 63 -1.76 12.87 0.40
N ALA B 64 -1.42 12.73 -0.90
CA ALA B 64 -0.82 13.80 -1.68
C ALA B 64 -1.70 15.00 -1.79
N ALA B 65 -3.01 14.79 -1.64
CA ALA B 65 -3.97 15.86 -1.95
C ALA B 65 -3.83 16.88 -0.87
N ALA B 66 -3.79 16.40 0.39
CA ALA B 66 -3.54 17.27 1.55
C ALA B 66 -2.13 17.81 1.52
N TYR B 67 -1.16 16.94 1.22
CA TYR B 67 0.25 17.37 1.12
C TYR B 67 0.38 18.58 0.17
N LEU B 68 -0.20 18.47 -1.05
CA LEU B 68 -0.12 19.53 -2.07
C LEU B 68 -0.78 20.86 -1.71
N GLN B 69 -1.92 20.80 -1.04
CA GLN B 69 -2.53 22.01 -0.57
C GLN B 69 -1.66 22.68 0.51
N THR B 70 -1.10 21.89 1.42
CA THR B 70 -0.21 22.44 2.46
C THR B 70 1.11 22.99 1.93
N HIS B 71 1.81 22.21 1.09
CA HIS B 71 3.19 22.55 0.71
C HIS B 71 3.43 22.97 -0.72
N GLY B 72 2.49 22.67 -1.61
CA GLY B 72 2.86 22.72 -3.05
C GLY B 72 3.62 21.40 -3.33
N ASP B 73 4.19 21.27 -4.52
CA ASP B 73 5.10 20.11 -4.85
C ASP B 73 6.21 19.97 -3.77
N GLY B 74 6.56 18.73 -3.41
CA GLY B 74 7.75 18.57 -2.60
C GLY B 74 8.02 17.11 -2.30
N VAL B 75 9.08 16.87 -1.51
CA VAL B 75 9.49 15.50 -1.19
C VAL B 75 8.55 14.94 -0.12
N ALA B 76 7.97 13.77 -0.42
CA ALA B 76 7.03 13.16 0.47
C ALA B 76 7.53 11.82 1.11
N ASP B 77 8.49 11.16 0.48
CA ASP B 77 8.93 9.82 0.92
C ASP B 77 10.35 9.62 0.39
N ILE B 78 11.27 9.32 1.31
CA ILE B 78 12.62 8.93 0.93
C ILE B 78 12.62 7.43 1.21
N ALA B 79 12.48 6.63 0.16
CA ALA B 79 12.35 5.17 0.29
C ALA B 79 13.69 4.49 0.35
N MET B 80 13.83 3.55 1.28
CA MET B 80 15.11 2.83 1.51
C MET B 80 14.98 1.31 1.30
N ALA B 81 15.84 0.77 0.45
CA ALA B 81 16.06 -0.62 0.21
C ALA B 81 16.77 -1.21 1.45
N THR B 82 16.32 -2.38 1.91
CA THR B 82 16.90 -3.07 3.07
C THR B 82 16.80 -4.59 2.91
N SER B 83 17.74 -5.30 3.53
CA SER B 83 17.69 -6.77 3.56
C SER B 83 16.54 -7.35 4.44
N ASP B 84 16.02 -6.60 5.42
CA ASP B 84 15.03 -7.16 6.31
C ASP B 84 14.03 -6.13 6.84
N VAL B 85 12.93 -5.99 6.10
CA VAL B 85 11.90 -4.96 6.33
C VAL B 85 11.19 -5.14 7.65
N ALA B 86 10.73 -6.35 7.96
CA ALA B 86 10.06 -6.57 9.25
C ALA B 86 11.00 -6.25 10.46
N ALA B 87 12.24 -6.74 10.43
CA ALA B 87 13.23 -6.38 11.44
C ALA B 87 13.39 -4.85 11.60
N ALA B 88 13.70 -4.13 10.50
CA ALA B 88 13.80 -2.62 10.44
C ALA B 88 12.58 -1.96 11.01
N TYR B 89 11.45 -2.40 10.51
CA TYR B 89 10.19 -1.79 10.88
C TYR B 89 9.95 -1.92 12.39
N GLU B 90 10.12 -3.12 12.91
CA GLU B 90 9.90 -3.44 14.34
C GLU B 90 10.86 -2.65 15.27
N ALA B 91 12.12 -2.61 14.87
CA ALA B 91 13.10 -1.80 15.61
C ALA B 91 12.69 -0.35 15.60
N ALA B 92 12.17 0.16 14.46
CA ALA B 92 11.85 1.60 14.39
C ALA B 92 10.62 1.90 15.20
N VAL B 93 9.61 1.04 15.06
CA VAL B 93 8.39 1.19 15.88
C VAL B 93 8.69 1.08 17.40
N ARG B 94 9.49 0.07 17.75
CA ARG B 94 9.99 -0.10 19.12
C ARG B 94 10.61 1.19 19.70
N ALA B 95 11.39 1.92 18.86
CA ALA B 95 12.09 3.16 19.24
C ALA B 95 11.24 4.43 19.23
N GLY B 96 9.96 4.34 18.83
CA GLY B 96 9.09 5.51 18.84
C GLY B 96 8.50 5.90 17.49
N ALA B 97 8.92 5.24 16.40
CA ALA B 97 8.48 5.63 15.02
C ALA B 97 6.97 5.43 14.77
N GLU B 98 6.37 6.38 14.05
CA GLU B 98 5.00 6.23 13.61
C GLU B 98 4.93 5.05 12.64
N ALA B 99 4.08 4.10 12.95
CA ALA B 99 3.86 2.93 12.15
C ALA B 99 2.87 3.35 11.04
N VAL B 100 3.31 3.55 9.80
CA VAL B 100 2.38 4.15 8.81
C VAL B 100 1.63 3.02 8.04
N ARG B 101 2.40 2.04 7.57
CA ARG B 101 1.94 0.85 6.87
C ARG B 101 2.80 -0.28 7.40
N ALA B 102 2.12 -1.29 7.98
CA ALA B 102 2.74 -2.54 8.45
C ALA B 102 3.32 -3.32 7.29
N PRO B 103 4.41 -4.07 7.54
CA PRO B 103 4.97 -4.81 6.39
C PRO B 103 3.93 -5.68 5.59
N GLY B 104 4.12 -5.78 4.27
CA GLY B 104 3.32 -6.63 3.39
C GLY B 104 3.84 -6.67 1.95
N GLN B 105 3.24 -7.54 1.15
CA GLN B 105 3.62 -7.73 -0.25
C GLN B 105 2.68 -6.96 -1.20
N HIS B 106 3.24 -6.35 -2.24
CA HIS B 106 2.45 -5.60 -3.23
C HIS B 106 2.87 -5.85 -4.70
N ALA B 110 6.03 -9.37 -6.24
CA ALA B 110 5.39 -9.34 -4.90
C ALA B 110 6.38 -8.93 -3.77
N VAL B 111 6.80 -7.65 -3.75
CA VAL B 111 7.90 -7.28 -2.84
C VAL B 111 7.43 -6.75 -1.50
N THR B 112 8.12 -7.18 -0.44
CA THR B 112 7.79 -6.72 0.92
C THR B 112 8.13 -5.24 1.13
N THR B 113 7.24 -4.52 1.83
CA THR B 113 7.23 -3.08 1.92
C THR B 113 6.61 -2.73 3.24
N ALA B 114 7.15 -1.69 3.92
CA ALA B 114 6.48 -1.08 5.06
C ALA B 114 6.83 0.41 5.02
N THR B 115 6.15 1.20 5.82
CA THR B 115 6.34 2.62 5.88
C THR B 115 6.35 3.08 7.32
N ILE B 116 7.41 3.84 7.69
CA ILE B 116 7.45 4.57 8.96
C ILE B 116 7.48 6.09 8.81
N GLY B 117 7.19 6.81 9.89
CA GLY B 117 7.42 8.26 9.98
C GLY B 117 8.88 8.72 9.83
N GLY B 118 9.06 9.93 9.34
CA GLY B 118 10.37 10.60 9.28
C GLY B 118 10.13 11.90 10.04
N PHE B 119 10.86 12.95 9.75
CA PHE B 119 10.54 14.34 10.18
C PHE B 119 9.30 14.95 9.41
N GLY B 120 8.64 15.90 10.05
CA GLY B 120 7.47 16.56 9.49
C GLY B 120 6.46 15.54 9.02
N ASP B 121 6.01 15.70 7.78
CA ASP B 121 5.02 14.78 7.22
C ASP B 121 5.64 13.94 6.16
N VAL B 122 6.98 13.87 6.16
CA VAL B 122 7.72 13.07 5.18
C VAL B 122 7.85 11.67 5.76
N VAL B 123 7.70 10.63 4.93
CA VAL B 123 7.77 9.25 5.42
C VAL B 123 8.98 8.49 4.87
N HIS B 124 9.22 7.28 5.41
CA HIS B 124 10.25 6.36 4.89
C HIS B 124 9.58 5.03 4.54
N THR B 125 9.51 4.70 3.29
CA THR B 125 9.10 3.37 2.90
C THR B 125 10.35 2.48 2.87
N LEU B 126 10.26 1.33 3.55
CA LEU B 126 11.31 0.31 3.59
C LEU B 126 10.95 -0.77 2.59
N ILE B 127 11.92 -1.17 1.77
CA ILE B 127 11.66 -1.98 0.62
C ILE B 127 12.63 -3.13 0.62
N GLN B 128 12.11 -4.36 0.72
CA GLN B 128 13.03 -5.49 0.81
C GLN B 128 13.69 -5.77 -0.47
N ARG B 129 15.00 -5.69 -0.49
CA ARG B 129 15.74 -5.99 -1.70
C ARG B 129 16.66 -7.19 -1.44
N GLU B 135 16.59 -2.14 -10.37
CA GLU B 135 15.27 -2.60 -9.94
C GLU B 135 14.13 -1.53 -9.72
N LEU B 136 13.20 -1.40 -10.67
CA LEU B 136 11.97 -0.56 -10.56
C LEU B 136 11.27 -0.54 -9.17
N PRO B 137 10.62 0.57 -8.79
CA PRO B 137 9.83 0.52 -7.55
C PRO B 137 8.68 -0.44 -7.69
N PRO B 138 8.20 -0.95 -6.55
CA PRO B 138 7.10 -1.91 -6.55
C PRO B 138 5.82 -1.41 -7.28
N GLY B 139 5.33 -2.21 -8.23
CA GLY B 139 4.08 -1.87 -8.92
C GLY B 139 4.29 -1.09 -10.21
N PHE B 140 5.51 -0.72 -10.50
CA PHE B 140 5.77 0.07 -11.66
C PHE B 140 5.97 -0.80 -12.86
N THR B 141 5.51 -0.37 -14.02
CA THR B 141 5.86 -1.13 -15.20
C THR B 141 6.72 -0.31 -16.15
N GLY B 142 7.66 -1.00 -16.77
CA GLY B 142 8.58 -0.42 -17.75
C GLY B 142 9.89 -1.16 -17.61
N SER B 143 10.98 -0.39 -17.58
CA SER B 143 12.32 -0.89 -17.86
C SER B 143 13.35 0.05 -17.22
N MET B 144 14.10 -0.42 -16.21
CA MET B 144 15.12 0.41 -15.52
C MET B 144 16.20 1.01 -16.43
N VAL B 154 25.86 15.99 -19.20
CA VAL B 154 25.35 15.78 -17.82
C VAL B 154 25.35 14.26 -17.49
N ASP B 155 25.75 13.91 -16.29
CA ASP B 155 25.94 12.49 -15.95
C ASP B 155 25.79 12.43 -14.41
N LEU B 156 24.59 12.74 -13.90
CA LEU B 156 24.32 12.66 -12.48
C LEU B 156 24.44 11.20 -12.11
N LEU B 157 25.21 10.92 -11.06
CA LEU B 157 25.57 9.57 -10.62
C LEU B 157 24.64 8.95 -9.54
N GLY B 158 24.05 9.78 -8.67
CA GLY B 158 23.32 9.24 -7.50
C GLY B 158 22.88 10.42 -6.65
N ILE B 159 22.18 10.18 -5.57
CA ILE B 159 21.88 11.20 -4.60
C ILE B 159 22.97 11.16 -3.50
N ASP B 160 23.60 12.31 -3.26
CA ASP B 160 24.63 12.48 -2.23
C ASP B 160 24.00 12.69 -0.88
N HIS B 161 23.04 13.63 -0.76
CA HIS B 161 22.38 13.83 0.51
C HIS B 161 21.10 14.59 0.30
N PHE B 162 20.25 14.66 1.33
CA PHE B 162 19.07 15.49 1.39
C PHE B 162 19.26 16.51 2.54
N ALA B 163 19.03 17.83 2.29
CA ALA B 163 19.08 18.83 3.34
C ALA B 163 17.63 19.17 3.82
N ILE B 164 17.42 19.17 5.11
CA ILE B 164 16.11 19.22 5.70
C ILE B 164 16.07 20.39 6.69
N CYS B 165 14.99 21.19 6.64
CA CYS B 165 14.75 22.27 7.60
C CYS B 165 13.78 21.81 8.59
N LEU B 166 14.09 22.09 9.85
CA LEU B 166 13.32 21.62 11.00
C LEU B 166 12.91 22.85 11.79
N ASN B 167 11.85 22.74 12.58
CA ASN B 167 11.48 23.81 13.53
C ASN B 167 12.57 23.97 14.61
N ALA B 168 12.69 25.16 15.21
CA ALA B 168 13.79 25.42 16.20
C ALA B 168 13.58 24.54 17.45
N GLY B 169 14.67 23.93 17.95
CA GLY B 169 14.60 23.03 19.08
C GLY B 169 14.23 21.61 18.65
N ASP B 170 14.04 21.38 17.33
CA ASP B 170 13.77 20.00 16.85
C ASP B 170 14.99 19.25 16.38
N LEU B 171 16.10 19.95 16.18
CA LEU B 171 17.38 19.31 15.78
C LEU B 171 17.77 18.11 16.63
N GLY B 172 18.09 18.37 17.91
CA GLY B 172 18.48 17.33 18.89
C GLY B 172 17.59 16.11 18.88
N PRO B 173 16.27 16.28 19.09
CA PRO B 173 15.30 15.14 19.03
C PRO B 173 15.23 14.40 17.67
N THR B 174 15.47 15.12 16.58
CA THR B 174 15.41 14.50 15.25
C THR B 174 16.65 13.69 15.01
N VAL B 175 17.80 14.24 15.43
CA VAL B 175 19.05 13.48 15.49
C VAL B 175 18.81 12.18 16.31
N GLU B 176 18.22 12.31 17.52
CA GLU B 176 18.04 11.12 18.35
C GLU B 176 17.11 10.14 17.69
N TYR B 177 16.04 10.64 17.11
CA TYR B 177 15.12 9.77 16.36
C TYR B 177 15.83 8.91 15.31
N TYR B 178 16.67 9.50 14.46
CA TYR B 178 17.37 8.74 13.38
C TYR B 178 18.41 7.74 13.91
N GLU B 179 19.08 8.13 15.00
CA GLU B 179 20.03 7.25 15.69
C GLU B 179 19.28 6.08 16.38
N ARG B 180 18.31 6.37 17.23
CA ARG B 180 17.57 5.28 17.90
C ARG B 180 16.76 4.40 16.94
N ALA B 181 15.92 5.00 16.09
CA ALA B 181 14.95 4.21 15.27
C ALA B 181 15.58 3.49 14.12
N LEU B 182 16.64 4.07 13.54
CA LEU B 182 17.15 3.56 12.26
C LEU B 182 18.63 3.25 12.24
N GLY B 183 19.29 3.32 13.39
CA GLY B 183 20.74 3.11 13.43
C GLY B 183 21.63 4.09 12.63
N PHE B 184 21.15 5.31 12.37
CA PHE B 184 21.97 6.34 11.72
C PHE B 184 23.07 6.85 12.70
N ARG B 185 24.16 7.34 12.17
CA ARG B 185 25.11 8.01 13.05
C ARG B 185 25.25 9.49 12.71
N GLN B 186 25.57 10.31 13.72
CA GLN B 186 26.07 11.66 13.49
C GLN B 186 27.49 11.65 12.98
N ILE B 187 27.70 12.13 11.77
CA ILE B 187 29.00 12.20 11.16
C ILE B 187 29.59 13.62 11.06
N PHE B 188 28.80 14.64 11.42
CA PHE B 188 29.24 16.01 11.07
C PHE B 188 28.26 16.97 11.69
N ASP B 189 28.72 18.15 12.10
CA ASP B 189 27.88 19.17 12.65
C ASP B 189 28.55 20.54 12.36
N GLU B 190 27.75 21.61 12.36
CA GLU B 190 28.21 22.93 11.89
C GLU B 190 27.24 24.01 12.30
N HIS B 191 27.75 25.04 12.97
CA HIS B 191 26.96 26.26 13.22
C HIS B 191 27.16 27.22 12.03
N ILE B 192 26.09 27.51 11.31
CA ILE B 192 26.24 28.29 10.05
C ILE B 192 25.90 29.76 10.32
N VAL B 193 26.77 30.67 9.93
CA VAL B 193 26.54 32.09 10.16
C VAL B 193 26.47 32.82 8.82
N VAL B 194 25.36 33.53 8.62
CA VAL B 194 25.12 34.31 7.36
C VAL B 194 24.65 35.71 7.81
N GLY B 195 25.61 36.66 7.81
CA GLY B 195 25.36 37.98 8.40
C GLY B 195 24.71 37.93 9.77
N ALA B 196 23.50 38.41 9.87
CA ALA B 196 22.82 38.50 11.15
C ALA B 196 22.09 37.22 11.57
N GLN B 197 21.84 36.31 10.62
CA GLN B 197 21.21 35.01 10.94
C GLN B 197 22.24 33.87 11.18
N ALA B 198 21.79 32.84 11.89
CA ALA B 198 22.58 31.61 12.10
C ALA B 198 21.66 30.38 12.08
N MET B 199 22.31 29.22 11.95
CA MET B 199 21.61 27.94 11.77
C MET B 199 22.46 26.93 12.49
N ASN B 200 21.83 26.05 13.27
CA ASN B 200 22.48 24.84 13.76
C ASN B 200 22.18 23.70 12.80
N SER B 201 23.18 22.87 12.52
CA SER B 201 23.00 21.71 11.64
C SER B 201 23.83 20.54 12.14
N THR B 202 23.33 19.34 11.85
CA THR B 202 23.97 18.09 12.25
C THR B 202 23.62 17.17 11.12
N VAL B 203 24.61 16.42 10.64
CA VAL B 203 24.44 15.47 9.57
C VAL B 203 24.35 14.07 10.18
N VAL B 204 23.33 13.31 9.80
CA VAL B 204 23.15 11.94 10.22
C VAL B 204 23.09 11.03 9.01
N GLN B 205 23.78 9.88 9.11
CA GLN B 205 24.01 9.03 7.98
C GLN B 205 23.68 7.56 8.37
N SER B 206 23.08 6.81 7.46
CA SER B 206 22.80 5.43 7.72
C SER B 206 24.14 4.66 7.94
N ALA B 207 24.11 3.55 8.71
CA ALA B 207 25.33 2.70 8.86
C ALA B 207 25.98 2.36 7.57
N SER B 208 25.19 2.17 6.51
CA SER B 208 25.78 1.86 5.18
C SER B 208 26.53 2.99 4.53
N GLY B 209 26.33 4.23 4.99
CA GLY B 209 26.94 5.36 4.25
C GLY B 209 26.05 5.93 3.14
N ALA B 210 24.94 5.25 2.82
CA ALA B 210 24.27 5.56 1.55
C ALA B 210 23.13 6.63 1.70
N VAL B 211 22.57 6.77 2.89
CA VAL B 211 21.53 7.70 3.15
C VAL B 211 22.02 8.80 4.15
N THR B 212 22.13 10.05 3.67
CA THR B 212 22.67 11.16 4.41
C THR B 212 21.67 12.29 4.43
N LEU B 213 21.33 12.70 5.65
CA LEU B 213 20.47 13.82 5.91
C LEU B 213 21.24 14.94 6.60
N THR B 214 21.37 16.12 5.93
CA THR B 214 21.90 17.32 6.60
C THR B 214 20.77 18.13 7.23
N LEU B 215 20.64 18.04 8.55
CA LEU B 215 19.52 18.61 9.25
C LEU B 215 19.86 19.99 9.76
N ILE B 216 18.92 20.92 9.61
CA ILE B 216 19.22 22.35 9.81
C ILE B 216 18.00 23.02 10.49
N GLU B 217 18.26 23.70 11.60
CA GLU B 217 17.24 24.36 12.34
C GLU B 217 17.70 25.82 12.42
N PRO B 218 16.75 26.73 12.68
CA PRO B 218 17.12 28.11 12.92
C PRO B 218 17.87 28.25 14.28
N ASP B 219 18.86 29.12 14.39
CA ASP B 219 19.46 29.42 15.71
C ASP B 219 18.67 30.59 16.34
N ARG B 220 17.91 30.31 17.39
CA ARG B 220 17.15 31.35 18.12
C ARG B 220 17.97 32.52 18.77
N ASN B 221 19.29 32.42 18.78
CA ASN B 221 20.17 33.45 19.32
C ASN B 221 20.55 34.50 18.31
N ALA B 222 20.06 34.36 17.08
CA ALA B 222 20.36 35.28 15.96
C ALA B 222 19.05 35.79 15.28
N ASP B 223 19.17 36.60 14.23
CA ASP B 223 17.96 37.04 13.52
C ASP B 223 17.27 35.92 12.68
N PRO B 224 15.91 35.97 12.56
CA PRO B 224 15.20 35.15 11.57
C PRO B 224 15.79 35.37 10.20
N GLY B 225 15.98 34.29 9.45
CA GLY B 225 16.50 34.41 8.07
C GLY B 225 15.92 33.30 7.18
N GLN B 226 16.75 32.80 6.27
CA GLN B 226 16.43 31.73 5.31
C GLN B 226 15.58 30.55 5.79
N ILE B 227 15.92 30.02 6.95
CA ILE B 227 15.36 28.73 7.35
C ILE B 227 13.95 28.96 7.84
N ASP B 228 13.75 30.09 8.52
CA ASP B 228 12.45 30.53 9.05
C ASP B 228 11.48 30.80 7.91
N GLU B 229 12.01 31.38 6.84
CA GLU B 229 11.31 31.62 5.60
C GLU B 229 10.87 30.27 4.95
N PHE B 230 11.80 29.31 4.83
CA PHE B 230 11.44 27.96 4.37
C PHE B 230 10.31 27.39 5.16
N LEU B 231 10.44 27.41 6.48
CA LEU B 231 9.44 26.83 7.33
C LEU B 231 8.07 27.53 7.25
N LYS B 232 8.10 28.85 7.02
CA LYS B 232 6.88 29.63 6.77
C LYS B 232 6.21 29.25 5.43
N ASP B 233 6.98 29.30 4.33
CA ASP B 233 6.51 29.13 2.93
C ASP B 233 6.11 27.69 2.60
N HIS B 234 6.87 26.73 3.16
CA HIS B 234 6.64 25.33 2.99
C HIS B 234 5.51 24.96 3.88
N GLN B 235 5.38 25.70 4.97
CA GLN B 235 4.42 25.43 6.03
C GLN B 235 4.72 24.18 6.84
N GLY B 236 5.95 24.12 7.37
CA GLY B 236 6.36 22.99 8.23
C GLY B 236 7.78 22.55 7.85
N ALA B 237 8.27 21.53 8.56
CA ALA B 237 9.58 20.94 8.31
C ALA B 237 9.57 20.23 6.95
N GLY B 238 10.68 20.26 6.20
CA GLY B 238 10.66 19.57 4.92
C GLY B 238 12.01 19.53 4.28
N VAL B 239 12.11 18.77 3.18
CA VAL B 239 13.34 18.72 2.38
C VAL B 239 13.52 20.03 1.64
N GLN B 240 14.62 20.75 1.97
CA GLN B 240 14.99 22.01 1.34
C GLN B 240 15.79 21.79 0.00
N HIS B 241 16.74 20.85 -0.03
CA HIS B 241 17.39 20.55 -1.30
C HIS B 241 17.79 19.05 -1.42
N ILE B 242 17.91 18.55 -2.66
CA ILE B 242 18.53 17.27 -2.89
C ILE B 242 19.80 17.52 -3.67
N ALA B 243 20.89 16.88 -3.26
CA ALA B 243 22.17 16.96 -3.94
C ALA B 243 22.44 15.74 -4.78
N PHE B 244 22.94 15.95 -5.98
CA PHE B 244 23.21 14.85 -6.89
C PHE B 244 24.70 14.75 -7.15
N ASN B 245 25.25 13.55 -7.09
CA ASN B 245 26.69 13.34 -7.43
C ASN B 245 27.02 13.48 -8.89
N SER B 246 28.25 13.91 -9.13
CA SER B 246 28.77 14.15 -10.49
C SER B 246 30.26 13.85 -10.44
N ASN B 247 30.81 13.46 -11.57
CA ASN B 247 32.28 13.27 -11.66
C ASN B 247 33.04 14.56 -11.94
N ASP B 248 32.32 15.61 -12.32
CA ASP B 248 32.91 16.88 -12.74
C ASP B 248 31.82 17.93 -12.68
N ALA B 249 31.80 18.70 -11.60
CA ALA B 249 30.71 19.62 -11.37
C ALA B 249 30.76 20.78 -12.35
N VAL B 250 31.97 21.05 -12.85
CA VAL B 250 32.19 22.05 -13.87
C VAL B 250 31.53 21.63 -15.21
N ARG B 251 31.85 20.47 -15.78
CA ARG B 251 31.12 19.91 -16.93
C ARG B 251 29.59 19.90 -16.70
N ALA B 252 29.16 19.48 -15.50
CA ALA B 252 27.77 19.31 -15.16
C ALA B 252 27.11 20.65 -15.21
N VAL B 253 27.70 21.64 -14.54
CA VAL B 253 27.11 22.99 -14.57
C VAL B 253 26.98 23.62 -15.98
N LYS B 254 27.98 23.45 -16.83
CA LYS B 254 27.90 23.96 -18.21
C LYS B 254 26.81 23.18 -18.93
N ALA B 255 26.81 21.85 -18.82
CA ALA B 255 25.80 21.00 -19.48
C ALA B 255 24.35 21.32 -19.05
N LEU B 256 24.11 21.53 -17.75
CA LEU B 256 22.81 21.82 -17.21
C LEU B 256 22.36 23.27 -17.46
N SER B 257 23.26 24.25 -17.32
CA SER B 257 22.97 25.64 -17.74
C SER B 257 22.48 25.77 -19.21
N GLU B 258 23.07 25.01 -20.12
CA GLU B 258 22.67 24.99 -21.53
C GLU B 258 21.24 24.43 -21.71
N ARG B 259 20.81 23.55 -20.79
CA ARG B 259 19.49 22.93 -20.86
C ARG B 259 18.44 23.77 -20.23
N GLY B 260 18.82 24.92 -19.69
CA GLY B 260 17.88 25.78 -19.01
C GLY B 260 17.95 25.83 -17.49
N VAL B 261 18.88 25.11 -16.87
CA VAL B 261 19.00 25.18 -15.37
C VAL B 261 19.69 26.49 -14.90
N GLU B 262 19.10 27.17 -13.93
CA GLU B 262 19.65 28.40 -13.41
C GLU B 262 20.38 28.02 -12.08
N PHE B 263 21.68 28.37 -11.99
CA PHE B 263 22.50 28.26 -10.77
C PHE B 263 22.67 29.58 -10.03
N LEU B 264 22.91 29.56 -8.71
CA LEU B 264 23.15 30.78 -7.94
C LEU B 264 24.56 31.38 -8.23
N LYS B 265 24.60 32.71 -8.27
CA LYS B 265 25.79 33.46 -8.57
C LYS B 265 26.62 33.51 -7.27
N THR B 266 27.92 33.37 -7.45
CA THR B 266 28.93 33.70 -6.43
C THR B 266 29.82 34.88 -6.94
N PRO B 267 29.88 36.00 -6.15
CA PRO B 267 30.68 37.18 -6.58
C PRO B 267 32.15 36.83 -6.81
N GLY B 268 32.80 37.59 -7.71
CA GLY B 268 34.27 37.53 -7.99
C GLY B 268 35.26 37.56 -6.79
N ALA B 269 34.90 38.29 -5.72
CA ALA B 269 35.70 38.39 -4.47
C ALA B 269 36.03 37.02 -3.89
N TYR B 270 35.01 36.14 -3.84
CA TYR B 270 35.19 34.74 -3.39
C TYR B 270 36.31 34.04 -4.15
N TYR B 271 36.37 34.16 -5.47
CA TYR B 271 37.46 33.53 -6.25
C TYR B 271 38.87 34.21 -6.13
N ASP B 272 38.91 35.45 -5.63
CA ASP B 272 40.15 36.20 -5.37
C ASP B 272 40.79 35.67 -4.08
N LEU B 273 39.97 35.61 -3.02
CA LEU B 273 40.29 34.91 -1.77
C LEU B 273 40.60 33.40 -1.82
N LEU B 274 40.17 32.68 -2.86
CA LEU B 274 40.26 31.21 -2.85
C LEU B 274 41.69 30.65 -2.84
N GLY B 275 42.56 31.14 -3.75
CA GLY B 275 43.98 30.77 -3.78
C GLY B 275 44.70 30.76 -2.43
N GLU B 276 44.35 31.69 -1.53
CA GLU B 276 44.94 31.78 -0.17
C GLU B 276 44.36 30.74 0.85
N ARG B 277 43.20 30.14 0.51
CA ARG B 277 42.51 29.20 1.39
C ARG B 277 42.80 27.72 1.04
N ILE B 278 42.85 27.40 -0.24
CA ILE B 278 42.88 26.02 -0.67
C ILE B 278 43.66 25.96 -1.99
N THR B 279 44.56 24.97 -2.09
CA THR B 279 45.30 24.69 -3.33
C THR B 279 44.49 23.71 -4.14
N LEU B 280 44.07 24.11 -5.34
CA LEU B 280 43.16 23.26 -6.14
C LEU B 280 43.84 22.05 -6.71
N GLN B 281 43.20 20.92 -6.55
CA GLN B 281 43.78 19.67 -6.93
C GLN B 281 43.07 19.10 -8.15
N THR B 282 42.00 19.76 -8.63
CA THR B 282 41.20 19.18 -9.72
C THR B 282 40.72 20.15 -10.78
N HIS B 283 40.26 21.33 -10.40
CA HIS B 283 39.78 22.21 -11.50
C HIS B 283 40.73 23.39 -11.55
N SER B 284 40.51 24.35 -12.43
CA SER B 284 41.23 25.59 -12.33
C SER B 284 40.36 26.70 -11.73
N LEU B 285 41.02 27.73 -11.21
CA LEU B 285 40.31 28.89 -10.68
C LEU B 285 39.35 29.51 -11.73
N ASP B 286 39.75 29.43 -13.00
CA ASP B 286 38.93 30.01 -14.04
C ASP B 286 37.68 29.19 -14.41
N ASP B 287 37.83 27.86 -14.44
CA ASP B 287 36.71 26.90 -14.48
C ASP B 287 35.66 27.20 -13.39
N LEU B 288 36.09 27.35 -12.15
CA LEU B 288 35.19 27.55 -11.03
C LEU B 288 34.54 28.88 -11.08
N ARG B 289 35.32 29.90 -11.47
CA ARG B 289 34.78 31.27 -11.56
C ARG B 289 33.73 31.40 -12.69
N ALA B 290 33.96 30.72 -13.81
CA ALA B 290 33.01 30.67 -14.93
C ALA B 290 31.65 30.01 -14.53
N THR B 291 31.71 28.95 -13.69
CA THR B 291 30.57 28.11 -13.35
C THR B 291 29.95 28.43 -11.97
N ASN B 292 30.52 29.39 -11.24
CA ASN B 292 30.06 29.70 -9.89
C ASN B 292 30.11 28.46 -8.91
N VAL B 293 30.95 27.48 -9.24
CA VAL B 293 31.16 26.33 -8.38
C VAL B 293 32.03 26.75 -7.14
N LEU B 294 31.74 26.19 -5.96
CA LEU B 294 32.49 26.48 -4.71
C LEU B 294 33.35 25.29 -4.32
N ALA B 295 34.59 25.55 -3.91
CA ALA B 295 35.56 24.48 -3.58
C ALA B 295 35.92 24.50 -2.11
N ASP B 296 36.08 23.32 -1.53
CA ASP B 296 36.43 23.20 -0.12
C ASP B 296 37.07 21.81 0.11
N GLU B 297 37.35 21.45 1.35
CA GLU B 297 37.98 20.14 1.55
C GLU B 297 37.76 19.64 2.98
N ASP B 298 37.94 18.32 3.14
CA ASP B 298 37.97 17.74 4.47
C ASP B 298 39.15 16.79 4.54
N HIS B 299 39.20 15.94 5.57
CA HIS B 299 40.39 15.08 5.77
C HIS B 299 40.63 14.12 4.60
N GLY B 300 39.55 13.72 3.91
CA GLY B 300 39.68 12.77 2.79
C GLY B 300 40.09 13.38 1.46
N GLY B 301 39.93 14.68 1.32
CA GLY B 301 40.19 15.30 0.00
C GLY B 301 39.23 16.47 -0.24
N GLN B 302 39.04 16.83 -1.50
CA GLN B 302 38.31 18.04 -1.88
C GLN B 302 36.84 17.82 -2.33
N LEU B 303 36.03 18.87 -2.25
CA LEU B 303 34.69 18.76 -2.72
C LEU B 303 34.25 20.07 -3.36
N PHE B 304 33.44 19.92 -4.42
CA PHE B 304 32.88 21.04 -5.17
C PHE B 304 31.37 20.98 -5.21
N GLN B 305 30.74 22.13 -4.93
CA GLN B 305 29.31 22.19 -4.74
C GLN B 305 28.70 23.47 -5.37
N ILE B 306 27.44 23.37 -5.80
CA ILE B 306 26.73 24.54 -6.27
C ILE B 306 25.24 24.29 -6.06
N PHE B 307 24.53 25.33 -5.64
CA PHE B 307 23.09 25.33 -5.55
C PHE B 307 22.45 25.85 -6.86
N THR B 308 21.18 25.48 -7.03
CA THR B 308 20.34 25.76 -8.20
C THR B 308 19.39 26.79 -7.61
N ALA B 309 18.96 27.77 -8.41
CA ALA B 309 17.94 28.68 -7.97
C ALA B 309 16.64 27.90 -7.93
N SER B 310 15.83 28.15 -6.92
CA SER B 310 14.56 27.48 -6.84
C SER B 310 13.60 27.91 -7.96
N THR B 311 12.83 26.94 -8.43
CA THR B 311 11.90 27.13 -9.52
C THR B 311 10.48 26.80 -9.01
N HIS B 312 10.35 26.51 -7.73
CA HIS B 312 9.10 26.21 -7.10
C HIS B 312 8.28 27.52 -6.97
N PRO B 313 6.97 27.43 -7.16
CA PRO B 313 6.23 28.68 -7.01
C PRO B 313 6.37 29.38 -5.63
N ARG B 314 6.52 28.62 -4.54
CA ARG B 314 6.80 29.23 -3.22
C ARG B 314 8.29 29.42 -2.97
N HIS B 315 9.14 29.18 -3.95
CA HIS B 315 10.62 29.25 -3.83
C HIS B 315 11.25 28.46 -2.67
N THR B 316 10.64 27.33 -2.35
CA THR B 316 11.10 26.48 -1.30
C THR B 316 12.22 25.54 -1.79
N ILE B 317 11.88 24.44 -2.47
CA ILE B 317 12.86 23.43 -2.74
C ILE B 317 13.83 23.79 -3.91
N PHE B 318 15.09 23.35 -3.80
CA PHE B 318 16.08 23.50 -4.86
C PHE B 318 17.05 22.30 -4.85
N PHE B 319 18.07 22.32 -5.71
CA PHE B 319 18.91 21.18 -5.95
C PHE B 319 20.36 21.60 -5.88
N GLU B 320 21.26 20.60 -5.82
CA GLU B 320 22.71 20.85 -5.70
C GLU B 320 23.37 19.83 -6.59
N VAL B 321 24.41 20.26 -7.31
CA VAL B 321 25.40 19.36 -7.86
C VAL B 321 26.61 19.31 -6.90
N ILE B 322 27.08 18.11 -6.58
CA ILE B 322 28.25 17.97 -5.72
C ILE B 322 29.23 16.99 -6.38
N GLU B 323 30.48 17.39 -6.51
CA GLU B 323 31.53 16.46 -6.98
C GLU B 323 32.49 16.20 -5.82
N ARG B 324 32.71 14.92 -5.47
CA ARG B 324 33.58 14.55 -4.33
C ARG B 324 34.86 14.00 -4.94
N GLN B 325 35.99 14.60 -4.55
CA GLN B 325 37.32 14.03 -4.93
C GLN B 325 38.03 13.56 -3.65
N GLY B 326 37.51 12.52 -2.99
CA GLY B 326 38.06 12.07 -1.69
C GLY B 326 37.32 12.57 -0.43
N ALA B 327 36.68 13.74 -0.45
CA ALA B 327 35.98 14.26 0.71
C ALA B 327 34.92 13.31 1.21
N GLY B 328 34.94 13.09 2.51
CA GLY B 328 33.99 12.17 3.15
C GLY B 328 32.73 12.88 3.57
N THR B 329 32.83 14.15 3.95
CA THR B 329 31.72 14.77 4.60
C THR B 329 31.59 16.18 3.97
N PHE B 330 31.74 17.27 4.74
CA PHE B 330 31.35 18.57 4.28
C PHE B 330 32.41 19.60 4.68
N GLY B 331 32.25 20.82 4.19
CA GLY B 331 33.24 21.83 4.46
C GLY B 331 32.61 23.13 4.95
N SER B 332 33.15 23.63 6.04
CA SER B 332 32.81 24.92 6.61
C SER B 332 32.68 26.11 5.62
N SER B 333 33.62 26.18 4.72
CA SER B 333 33.68 27.29 3.83
C SER B 333 32.65 27.10 2.67
N ASN B 334 32.50 25.87 2.10
CA ASN B 334 31.43 25.58 1.08
C ASN B 334 30.08 25.86 1.69
N ILE B 335 29.84 25.38 2.92
CA ILE B 335 28.56 25.60 3.57
C ILE B 335 28.16 27.09 3.74
N LYS B 336 29.09 27.92 4.24
CA LYS B 336 28.85 29.36 4.40
C LYS B 336 28.57 30.00 3.00
N ALA B 337 29.50 29.82 2.05
CA ALA B 337 29.36 30.28 0.68
C ALA B 337 28.03 29.86 -0.05
N LEU B 338 27.50 28.64 0.18
CA LEU B 338 26.22 28.18 -0.41
C LEU B 338 25.07 28.95 0.17
N TYR B 339 25.06 29.08 1.49
CA TYR B 339 23.94 29.82 2.07
C TYR B 339 24.04 31.34 1.87
N GLU B 340 25.27 31.81 1.65
CA GLU B 340 25.59 33.18 1.22
C GLU B 340 25.05 33.39 -0.22
N ALA B 341 25.21 32.40 -1.10
CA ALA B 341 24.61 32.48 -2.41
C ALA B 341 23.06 32.59 -2.37
N VAL B 342 22.42 31.90 -1.45
CA VAL B 342 20.97 31.94 -1.25
C VAL B 342 20.55 33.35 -0.80
N GLU B 343 21.19 33.85 0.25
CA GLU B 343 21.04 35.22 0.78
C GLU B 343 21.17 36.31 -0.27
N LEU B 344 22.22 36.28 -1.08
CA LEU B 344 22.37 37.19 -2.21
C LEU B 344 21.16 37.13 -3.17
N GLU B 345 20.68 35.92 -3.49
CA GLU B 345 19.53 35.80 -4.35
C GLU B 345 18.26 36.37 -3.71
N ARG B 346 18.07 36.16 -2.41
CA ARG B 346 16.83 36.64 -1.78
C ARG B 346 16.83 38.16 -1.46
N THR B 347 18.01 38.77 -1.26
CA THR B 347 18.09 40.18 -0.82
C THR B 347 18.84 41.12 -1.79
N GLY B 348 19.86 40.61 -2.45
CA GLY B 348 20.69 41.43 -3.33
C GLY B 348 21.83 41.99 -2.49
CO CO C . -20.34 -12.09 7.02
O12 HHH D . -21.98 -9.41 9.38
C10 HHH D . -21.08 -9.95 8.68
O11 HHH D . -21.26 -11.09 8.22
C7 HHH D . -19.75 -9.30 8.38
O8 HHH D . -19.34 -9.92 7.14
C1 HHH D . -19.77 -7.81 8.26
C2 HHH D . -20.89 -7.15 7.72
C3 HHH D . -20.90 -5.76 7.60
C6 HHH D . -18.64 -7.08 8.65
C5 HHH D . -18.64 -5.71 8.56
C4 HHH D . -19.80 -5.04 8.02
O1 HHH D . -19.87 -3.68 7.88
CO CO E . 23.66 20.22 0.33
P PO4 F . 1.65 26.10 -4.83
O1 PO4 F . 3.11 25.62 -4.78
O2 PO4 F . 1.37 26.93 -3.59
O3 PO4 F . 1.55 26.86 -6.15
O4 PO4 F . 0.69 24.91 -4.90
O12 HHH G . 26.98 21.63 2.30
C10 HHH G . 25.75 21.45 2.03
O11 HHH G . 25.42 21.24 0.83
C7 HHH G . 24.64 21.44 3.08
O8 HHH G . 23.59 20.47 2.78
C1 HHH G . 25.08 21.19 4.50
C2 HHH G . 26.06 20.23 4.82
C3 HHH G . 26.44 20.00 6.15
C6 HHH G . 24.40 21.88 5.54
C5 HHH G . 24.76 21.64 6.87
C4 HHH G . 25.78 20.70 7.16
O1 HHH G . 26.11 20.45 8.44
#